data_3OFT
#
_entry.id   3OFT
#
_cell.length_a   57.986
_cell.length_b   150.148
_cell.length_c   68.454
_cell.angle_alpha   90.00
_cell.angle_beta   99.89
_cell.angle_gamma   90.00
#
_symmetry.space_group_name_H-M   'P 1 21 1'
#
loop_
_entity.id
_entity.type
_entity.pdbx_description
1 polymer 'Cytochrome P450'
2 non-polymer 'PROTOPORPHYRIN IX CONTAINING FE'
3 non-polymer (2R,5R)-hexane-2,5-diol
4 water water
#
_entity_poly.entity_id   1
_entity_poly.type   'polypeptide(L)'
_entity_poly.pdbx_seq_one_letter_code
;MIPAHVPADRVVDFDIFNPPGVEQDYFAAWKTLLDGPGLVWSTANGGHWIAARGDVVRELWGDAERLSSQCLAVTPGLGK
VMQFIPLQQDGAEHKAFRTPVMKGLASRFVVALEPKVQAVARKLMESLRPRGSCDFVSDFAEILPLNIFLTLIDVPLEDR
PRLRQLGVQLTRPDGSMTVEQLKQAADDYLWPFIEKRMAQPGDDLFSRILSEPVGGRPWTVDEARRMCRNLLFGGLDTVA
AMIGMVALHLARHPEDQRLLRERPDLIPAAADELMRRYPTVAVSRNAVADVDADGVTIRKGDLVYLPSVLHNLDPASFEA
PEEVRFDRGLAPIRHTTMGVGAHRCVGAGLARMEVIVFLREWLGGMPEFALAPDKAVTMKGGNVGACTALPLVWRA
;
_entity_poly.pdbx_strand_id   A,B,C
#
# COMPACT_ATOMS: atom_id res chain seq x y z
N MET A 1 14.70 -23.26 -10.24
CA MET A 1 15.25 -24.51 -10.84
C MET A 1 14.31 -24.98 -11.95
N ILE A 2 14.83 -25.75 -12.90
CA ILE A 2 14.08 -26.09 -14.11
C ILE A 2 13.46 -27.51 -14.02
N PRO A 3 12.13 -27.65 -14.22
CA PRO A 3 11.61 -29.02 -14.11
C PRO A 3 12.23 -29.94 -15.18
N ALA A 4 12.29 -31.23 -14.90
CA ALA A 4 12.90 -32.18 -15.85
C ALA A 4 12.35 -32.17 -17.28
N HIS A 5 11.05 -31.90 -17.46
CA HIS A 5 10.46 -32.00 -18.80
C HIS A 5 10.68 -30.71 -19.61
N VAL A 6 11.38 -29.72 -19.03
CA VAL A 6 11.66 -28.48 -19.71
C VAL A 6 13.09 -28.50 -20.23
N PRO A 7 13.27 -28.56 -21.57
CA PRO A 7 14.64 -28.52 -22.10
C PRO A 7 15.32 -27.22 -21.77
N ALA A 8 16.61 -27.29 -21.44
CA ALA A 8 17.36 -26.11 -21.09
C ALA A 8 17.22 -24.99 -22.12
N ASP A 9 17.20 -25.36 -23.40
CA ASP A 9 17.17 -24.37 -24.47
C ASP A 9 15.81 -23.63 -24.60
N ARG A 10 14.78 -24.12 -23.90
CA ARG A 10 13.47 -23.44 -23.81
C ARG A 10 13.33 -22.47 -22.63
N VAL A 11 14.34 -22.32 -21.79
CA VAL A 11 14.23 -21.49 -20.57
C VAL A 11 14.42 -20.02 -20.88
N VAL A 12 13.50 -19.18 -20.41
CA VAL A 12 13.64 -17.71 -20.48
C VAL A 12 13.31 -17.13 -19.11
N ASP A 13 13.63 -15.87 -18.88
CA ASP A 13 13.18 -15.25 -17.64
C ASP A 13 12.12 -14.16 -17.87
N PHE A 14 11.62 -14.08 -19.10
CA PHE A 14 10.50 -13.19 -19.47
C PHE A 14 9.42 -13.00 -18.41
N ASP A 15 9.24 -11.76 -17.92
CA ASP A 15 8.20 -11.41 -16.95
C ASP A 15 6.99 -10.85 -17.70
N ILE A 16 5.89 -11.60 -17.74
CA ILE A 16 4.69 -11.17 -18.48
C ILE A 16 4.04 -9.87 -17.99
N PHE A 17 4.31 -9.51 -16.73
CA PHE A 17 3.81 -8.26 -16.17
C PHE A 17 4.66 -7.05 -16.56
N ASN A 18 5.92 -7.25 -16.92
CA ASN A 18 6.74 -6.15 -17.41
C ASN A 18 7.74 -6.60 -18.47
N PRO A 19 7.23 -6.90 -19.68
CA PRO A 19 8.16 -7.31 -20.74
C PRO A 19 9.20 -6.20 -21.01
N PRO A 20 10.46 -6.59 -21.26
CA PRO A 20 11.49 -5.55 -21.51
C PRO A 20 11.12 -4.61 -22.67
N GLY A 21 11.18 -3.31 -22.45
CA GLY A 21 10.79 -2.35 -23.50
C GLY A 21 9.28 -2.14 -23.64
N VAL A 22 8.46 -2.80 -22.81
CA VAL A 22 7.00 -2.65 -22.91
C VAL A 22 6.51 -1.22 -22.74
N GLU A 23 7.19 -0.43 -21.91
CA GLU A 23 6.75 0.94 -21.69
C GLU A 23 6.87 1.82 -22.93
N GLN A 24 7.79 1.49 -23.83
CA GLN A 24 7.89 2.20 -25.10
C GLN A 24 6.92 1.64 -26.16
N ASP A 25 6.81 0.31 -26.26
CA ASP A 25 6.06 -0.36 -27.35
C ASP A 25 5.70 -1.77 -26.84
N TYR A 26 4.42 -1.98 -26.53
CA TYR A 26 3.91 -3.28 -26.03
C TYR A 26 4.12 -4.37 -27.06
N PHE A 27 3.83 -4.07 -28.32
CA PHE A 27 3.90 -4.99 -29.45
C PHE A 27 5.34 -5.43 -29.72
N ALA A 28 6.26 -4.48 -29.83
CA ALA A 28 7.65 -4.84 -30.04
C ALA A 28 8.17 -5.70 -28.84
N ALA A 29 7.79 -5.34 -27.62
CA ALA A 29 8.26 -6.09 -26.42
C ALA A 29 7.90 -7.59 -26.45
N TRP A 30 6.67 -7.91 -26.84
CA TRP A 30 6.22 -9.29 -27.00
C TRP A 30 6.82 -9.97 -28.21
N LYS A 31 6.94 -9.23 -29.30
CA LYS A 31 7.49 -9.80 -30.53
C LYS A 31 8.96 -10.24 -30.46
N THR A 32 9.69 -9.78 -29.45
CA THR A 32 11.05 -10.29 -29.20
C THR A 32 11.05 -11.82 -29.09
N LEU A 33 9.93 -12.38 -28.61
CA LEU A 33 9.84 -13.83 -28.44
C LEU A 33 9.75 -14.62 -29.74
N LEU A 34 9.37 -13.97 -30.84
CA LEU A 34 9.34 -14.64 -32.13
C LEU A 34 10.75 -15.08 -32.62
N ASP A 35 11.77 -14.48 -32.02
CA ASP A 35 13.18 -14.85 -32.33
C ASP A 35 13.68 -16.12 -31.62
N GLY A 36 12.84 -16.71 -30.77
CA GLY A 36 13.24 -17.92 -30.04
C GLY A 36 12.33 -19.08 -30.30
N PRO A 37 12.41 -20.14 -29.47
CA PRO A 37 11.53 -21.30 -29.55
C PRO A 37 10.03 -20.91 -29.47
N GLY A 38 9.17 -21.68 -30.11
CA GLY A 38 7.74 -21.39 -30.18
C GLY A 38 6.98 -21.68 -28.90
N LEU A 39 7.65 -22.31 -27.94
CA LEU A 39 7.08 -22.58 -26.60
C LEU A 39 8.22 -22.56 -25.61
N VAL A 40 8.21 -21.58 -24.71
CA VAL A 40 9.32 -21.33 -23.77
C VAL A 40 8.82 -21.48 -22.33
N TRP A 41 9.73 -21.76 -21.39
CA TRP A 41 9.37 -21.86 -19.98
C TRP A 41 9.99 -20.69 -19.30
N SER A 42 9.17 -19.79 -18.71
CA SER A 42 9.73 -18.66 -17.99
C SER A 42 9.90 -19.06 -16.55
N THR A 43 11.03 -18.68 -15.96
CA THR A 43 11.25 -18.89 -14.53
C THR A 43 10.57 -17.83 -13.65
N ALA A 44 10.13 -16.71 -14.24
CA ALA A 44 9.49 -15.65 -13.46
C ALA A 44 8.07 -16.08 -13.12
N ASN A 45 7.48 -15.38 -12.16
CA ASN A 45 6.07 -15.56 -11.75
C ASN A 45 5.73 -17.02 -11.41
N GLY A 46 6.63 -17.67 -10.68
CA GLY A 46 6.34 -19.04 -10.22
C GLY A 46 6.68 -20.16 -11.21
N GLY A 47 7.06 -19.81 -12.43
CA GLY A 47 7.41 -20.81 -13.43
C GLY A 47 6.21 -21.25 -14.24
N HIS A 48 6.27 -20.99 -15.56
CA HIS A 48 5.12 -21.26 -16.45
C HIS A 48 5.54 -21.25 -17.92
N TRP A 49 4.79 -21.93 -18.77
CA TRP A 49 5.03 -21.87 -20.19
C TRP A 49 4.50 -20.58 -20.79
N ILE A 50 5.13 -20.17 -21.89
CA ILE A 50 4.60 -19.06 -22.70
C ILE A 50 4.56 -19.54 -24.16
N ALA A 51 3.39 -19.43 -24.80
CA ALA A 51 3.30 -19.79 -26.22
C ALA A 51 3.89 -18.61 -27.00
N ALA A 52 4.85 -18.87 -27.89
CA ALA A 52 5.69 -17.82 -28.45
C ALA A 52 5.79 -17.88 -29.97
N ARG A 53 4.83 -18.54 -30.59
CA ARG A 53 4.71 -18.55 -32.05
C ARG A 53 3.26 -18.70 -32.38
N GLY A 54 2.85 -18.08 -33.49
CA GLY A 54 1.44 -18.00 -33.85
C GLY A 54 0.69 -19.31 -33.82
N ASP A 55 1.22 -20.34 -34.46
CA ASP A 55 0.47 -21.59 -34.57
C ASP A 55 0.29 -22.28 -33.21
N VAL A 56 1.27 -22.11 -32.31
CA VAL A 56 1.21 -22.68 -30.96
C VAL A 56 0.17 -21.93 -30.13
N VAL A 57 0.20 -20.59 -30.18
CA VAL A 57 -0.80 -19.74 -29.47
C VAL A 57 -2.16 -20.17 -29.89
N ARG A 58 -2.36 -20.22 -31.22
CA ARG A 58 -3.68 -20.55 -31.74
C ARG A 58 -4.17 -21.98 -31.35
N GLU A 59 -3.29 -22.97 -31.43
CA GLU A 59 -3.66 -24.35 -31.12
C GLU A 59 -3.97 -24.56 -29.63
N LEU A 60 -3.13 -24.02 -28.77
CA LEU A 60 -3.35 -24.25 -27.32
C LEU A 60 -4.56 -23.50 -26.77
N TRP A 61 -4.83 -22.31 -27.33
CA TRP A 61 -5.96 -21.49 -26.87
C TRP A 61 -7.28 -22.21 -27.15
N GLY A 62 -7.30 -22.94 -28.26
CA GLY A 62 -8.51 -23.64 -28.68
C GLY A 62 -8.70 -25.00 -28.03
N ASP A 63 -7.67 -25.52 -27.35
CA ASP A 63 -7.75 -26.83 -26.69
C ASP A 63 -8.40 -26.67 -25.33
N ALA A 64 -9.72 -26.47 -25.31
CA ALA A 64 -10.42 -26.24 -24.04
C ALA A 64 -10.52 -27.53 -23.24
N GLU A 65 -10.36 -28.67 -23.90
CA GLU A 65 -10.46 -29.94 -23.17
C GLU A 65 -9.24 -30.24 -22.27
N ARG A 66 -8.04 -30.01 -22.77
CA ARG A 66 -6.85 -30.36 -22.02
C ARG A 66 -6.21 -29.20 -21.28
N LEU A 67 -6.55 -27.96 -21.67
CA LEU A 67 -6.02 -26.76 -21.01
C LEU A 67 -7.20 -25.97 -20.45
N SER A 68 -7.38 -26.10 -19.14
CA SER A 68 -8.50 -25.58 -18.37
C SER A 68 -8.33 -24.09 -18.20
N SER A 69 -9.49 -23.44 -18.11
CA SER A 69 -9.61 -21.99 -17.90
C SER A 69 -9.75 -21.68 -16.43
N GLN A 70 -9.66 -22.71 -15.58
CA GLN A 70 -9.95 -22.51 -14.18
C GLN A 70 -9.03 -21.56 -13.47
N CYS A 71 -7.75 -21.63 -13.80
CA CYS A 71 -6.70 -20.89 -13.03
C CYS A 71 -6.84 -19.34 -13.09
N LEU A 72 -7.36 -18.82 -14.20
CA LEU A 72 -7.52 -17.36 -14.48
C LEU A 72 -6.20 -16.63 -14.75
N ALA A 73 -5.21 -16.86 -13.88
CA ALA A 73 -3.99 -16.09 -13.95
C ALA A 73 -2.84 -16.87 -13.37
N VAL A 74 -1.63 -16.44 -13.75
CA VAL A 74 -0.44 -16.98 -13.11
C VAL A 74 -0.21 -16.51 -11.65
N THR A 75 -0.85 -15.41 -11.23
CA THR A 75 -0.80 -14.98 -9.83
C THR A 75 -1.63 -15.90 -8.97
N PRO A 76 -1.03 -16.55 -7.93
CA PRO A 76 -1.81 -17.50 -7.14
C PRO A 76 -2.95 -16.80 -6.39
N GLY A 77 -4.07 -17.51 -6.29
CA GLY A 77 -5.22 -17.04 -5.56
C GLY A 77 -6.22 -16.16 -6.30
N LEU A 78 -5.86 -15.64 -7.47
CA LEU A 78 -6.65 -14.65 -8.15
C LEU A 78 -7.93 -15.34 -8.67
N GLY A 79 -7.75 -16.43 -9.38
CA GLY A 79 -8.90 -17.20 -9.89
C GLY A 79 -9.79 -17.75 -8.83
N LYS A 80 -9.16 -18.17 -7.74
CA LYS A 80 -9.92 -18.76 -6.63
C LYS A 80 -10.86 -17.72 -6.05
N VAL A 81 -10.44 -16.47 -6.04
CA VAL A 81 -11.32 -15.41 -5.55
C VAL A 81 -12.39 -14.99 -6.58
N MET A 82 -11.96 -14.72 -7.80
CA MET A 82 -12.88 -14.13 -8.79
C MET A 82 -13.97 -15.05 -9.27
N GLN A 83 -13.67 -16.34 -9.50
CA GLN A 83 -14.70 -17.34 -9.86
C GLN A 83 -15.63 -16.80 -10.95
N PHE A 84 -15.04 -16.20 -11.98
CA PHE A 84 -15.83 -15.58 -13.06
C PHE A 84 -16.66 -16.60 -13.85
N ILE A 85 -17.89 -16.20 -14.16
CA ILE A 85 -18.74 -17.00 -15.04
C ILE A 85 -19.07 -16.19 -16.32
N PRO A 86 -18.86 -16.77 -17.51
CA PRO A 86 -18.41 -18.10 -17.87
C PRO A 86 -16.86 -18.23 -17.97
N LEU A 87 -16.10 -17.16 -17.71
CA LEU A 87 -14.67 -17.11 -18.15
C LEU A 87 -13.85 -18.29 -17.61
N GLN A 88 -14.13 -18.66 -16.37
CA GLN A 88 -13.32 -19.68 -15.68
C GLN A 88 -13.92 -21.06 -15.69
N GLN A 89 -15.01 -21.28 -16.43
CA GLN A 89 -15.60 -22.63 -16.44
C GLN A 89 -15.12 -23.49 -17.60
N ASP A 90 -15.23 -24.81 -17.44
CA ASP A 90 -14.90 -25.77 -18.50
C ASP A 90 -16.11 -26.61 -18.88
N GLY A 91 -16.05 -27.18 -20.08
CA GLY A 91 -16.89 -28.33 -20.49
C GLY A 91 -18.36 -28.01 -20.54
N ALA A 92 -19.18 -28.97 -20.14
CA ALA A 92 -20.63 -28.78 -20.11
C ALA A 92 -21.09 -27.64 -19.21
N GLU A 93 -20.42 -27.43 -18.08
CA GLU A 93 -20.82 -26.35 -17.17
C GLU A 93 -20.67 -25.01 -17.88
N HIS A 94 -19.53 -24.83 -18.51
CA HIS A 94 -19.23 -23.63 -19.28
C HIS A 94 -20.30 -23.40 -20.36
N LYS A 95 -20.60 -24.42 -21.13
CA LYS A 95 -21.62 -24.27 -22.19
C LYS A 95 -22.97 -23.83 -21.61
N ALA A 96 -23.37 -24.42 -20.47
CA ALA A 96 -24.70 -24.12 -19.89
C ALA A 96 -24.81 -22.66 -19.45
N PHE A 97 -23.73 -22.08 -18.96
CA PHE A 97 -23.75 -20.67 -18.52
C PHE A 97 -23.47 -19.72 -19.66
N ARG A 98 -22.60 -20.10 -20.58
CA ARG A 98 -22.31 -19.25 -21.74
C ARG A 98 -23.58 -19.01 -22.58
N THR A 99 -24.40 -20.05 -22.74
CA THR A 99 -25.58 -19.94 -23.56
C THR A 99 -26.47 -18.73 -23.27
N PRO A 100 -26.98 -18.56 -22.02
CA PRO A 100 -27.78 -17.36 -21.78
C PRO A 100 -26.97 -16.06 -21.87
N VAL A 101 -25.69 -16.07 -21.51
CA VAL A 101 -24.90 -14.82 -21.61
C VAL A 101 -24.78 -14.37 -23.08
N MET A 102 -24.54 -15.32 -24.00
CA MET A 102 -24.36 -15.00 -25.44
C MET A 102 -25.68 -14.51 -25.99
N LYS A 103 -26.78 -15.11 -25.54
CA LYS A 103 -28.12 -14.66 -25.91
C LYS A 103 -28.31 -13.18 -25.56
N GLY A 104 -27.90 -12.79 -24.34
CA GLY A 104 -27.96 -11.42 -23.89
C GLY A 104 -27.23 -10.44 -24.78
N LEU A 105 -26.10 -10.89 -25.36
CA LEU A 105 -25.21 -10.09 -26.19
C LEU A 105 -25.30 -10.28 -27.72
N ALA A 106 -26.39 -10.89 -28.19
CA ALA A 106 -26.57 -11.19 -29.61
C ALA A 106 -26.65 -9.91 -30.46
N SER A 107 -26.35 -10.05 -31.75
CA SER A 107 -26.28 -8.91 -32.66
C SER A 107 -27.52 -8.02 -32.66
N ARG A 108 -28.72 -8.60 -32.58
CA ARG A 108 -29.92 -7.78 -32.57
C ARG A 108 -29.98 -6.81 -31.39
N PHE A 109 -29.49 -7.25 -30.23
CA PHE A 109 -29.44 -6.39 -29.08
C PHE A 109 -28.35 -5.33 -29.20
N VAL A 110 -27.17 -5.75 -29.69
CA VAL A 110 -26.07 -4.82 -30.02
C VAL A 110 -26.51 -3.71 -31.01
N VAL A 111 -27.15 -4.11 -32.11
CA VAL A 111 -27.68 -3.14 -33.06
C VAL A 111 -28.66 -2.17 -32.40
N ALA A 112 -29.56 -2.66 -31.54
CA ALA A 112 -30.54 -1.82 -30.86
C ALA A 112 -29.88 -0.80 -29.93
N LEU A 113 -28.71 -1.14 -29.38
CA LEU A 113 -27.99 -0.29 -28.42
C LEU A 113 -27.11 0.77 -29.10
N GLU A 114 -26.91 0.64 -30.39
CA GLU A 114 -25.96 1.47 -31.13
C GLU A 114 -26.24 2.98 -30.98
N PRO A 115 -27.50 3.41 -31.18
CA PRO A 115 -27.79 4.83 -30.96
C PRO A 115 -27.48 5.33 -29.55
N LYS A 116 -27.87 4.57 -28.53
CA LYS A 116 -27.55 4.98 -27.15
C LYS A 116 -26.05 5.00 -26.90
N VAL A 117 -25.34 3.98 -27.36
CA VAL A 117 -23.87 3.92 -27.14
C VAL A 117 -23.19 5.04 -27.93
N GLN A 118 -23.62 5.29 -29.16
CA GLN A 118 -23.09 6.44 -29.91
C GLN A 118 -23.32 7.75 -29.17
N ALA A 119 -24.50 7.93 -28.58
CA ALA A 119 -24.77 9.18 -27.85
C ALA A 119 -23.80 9.40 -26.64
N VAL A 120 -23.46 8.30 -25.97
CA VAL A 120 -22.49 8.33 -24.88
C VAL A 120 -21.09 8.75 -25.37
N ALA A 121 -20.63 8.14 -26.46
CA ALA A 121 -19.33 8.52 -27.05
C ALA A 121 -19.35 9.99 -27.48
N ARG A 122 -20.46 10.43 -28.07
CA ARG A 122 -20.56 11.82 -28.55
C ARG A 122 -20.53 12.82 -27.42
N LYS A 123 -21.27 12.54 -26.35
CA LYS A 123 -21.30 13.41 -25.18
C LYS A 123 -19.88 13.54 -24.60
N LEU A 124 -19.13 12.44 -24.55
CA LEU A 124 -17.79 12.48 -23.93
C LEU A 124 -16.78 13.21 -24.82
N MET A 125 -16.83 12.94 -26.13
CA MET A 125 -16.06 13.69 -27.10
C MET A 125 -16.32 15.19 -27.01
N GLU A 126 -17.58 15.57 -26.98
CA GLU A 126 -17.92 17.01 -26.91
C GLU A 126 -17.46 17.75 -25.65
N SER A 127 -17.38 17.03 -24.54
CA SER A 127 -16.86 17.56 -23.28
C SER A 127 -15.34 17.84 -23.39
N LEU A 128 -14.61 17.10 -24.25
CA LEU A 128 -13.17 17.31 -24.37
C LEU A 128 -12.76 18.26 -25.49
N ARG A 129 -13.55 18.30 -26.56
CA ARG A 129 -13.20 19.08 -27.77
C ARG A 129 -12.73 20.56 -27.52
N PRO A 130 -13.44 21.33 -26.68
CA PRO A 130 -13.04 22.76 -26.53
C PRO A 130 -11.64 23.01 -25.92
N ARG A 131 -11.09 22.03 -25.22
CA ARG A 131 -9.77 22.18 -24.59
C ARG A 131 -8.56 22.35 -25.54
N GLY A 132 -8.62 21.71 -26.71
CA GLY A 132 -7.47 21.65 -27.62
C GLY A 132 -6.39 20.66 -27.24
N SER A 133 -6.60 19.91 -26.16
CA SER A 133 -5.71 18.88 -25.75
C SER A 133 -6.39 17.96 -24.74
N CYS A 134 -5.86 16.75 -24.59
CA CYS A 134 -6.35 15.87 -23.52
C CYS A 134 -5.31 14.85 -23.21
N ASP A 135 -5.45 14.24 -22.04
CA ASP A 135 -4.71 13.02 -21.71
C ASP A 135 -5.71 11.93 -22.02
N PHE A 136 -5.61 11.38 -23.23
CA PHE A 136 -6.69 10.56 -23.78
C PHE A 136 -7.00 9.32 -22.96
N VAL A 137 -5.99 8.71 -22.36
CA VAL A 137 -6.23 7.52 -21.54
C VAL A 137 -7.09 7.89 -20.33
N SER A 138 -6.68 8.93 -19.59
CA SER A 138 -7.41 9.22 -18.36
C SER A 138 -8.70 10.01 -18.64
N ASP A 139 -8.74 10.81 -19.71
CA ASP A 139 -9.92 11.67 -20.01
C ASP A 139 -10.98 10.98 -20.86
N PHE A 140 -10.58 9.95 -21.62
CA PHE A 140 -11.56 9.33 -22.52
C PHE A 140 -11.55 7.81 -22.38
N ALA A 141 -10.41 7.17 -22.62
CA ALA A 141 -10.39 5.70 -22.77
C ALA A 141 -10.87 5.01 -21.53
N GLU A 142 -10.44 5.50 -20.36
CA GLU A 142 -10.81 4.89 -19.09
C GLU A 142 -12.17 5.36 -18.57
N ILE A 143 -12.84 6.25 -19.29
CA ILE A 143 -14.12 6.80 -18.86
C ILE A 143 -15.23 6.13 -19.68
N LEU A 144 -15.00 6.02 -20.98
CA LEU A 144 -16.06 5.53 -21.86
C LEU A 144 -16.65 4.16 -21.49
N PRO A 145 -15.80 3.14 -21.20
CA PRO A 145 -16.38 1.80 -20.96
C PRO A 145 -17.32 1.76 -19.76
N LEU A 146 -17.01 2.49 -18.69
CA LEU A 146 -17.93 2.54 -17.55
C LEU A 146 -19.22 3.24 -17.92
N ASN A 147 -19.15 4.40 -18.61
CA ASN A 147 -20.37 5.04 -19.13
C ASN A 147 -21.19 4.12 -19.99
N ILE A 148 -20.53 3.36 -20.86
CA ILE A 148 -21.28 2.40 -21.67
C ILE A 148 -21.94 1.33 -20.79
N PHE A 149 -21.22 0.84 -19.80
CA PHE A 149 -21.77 -0.20 -18.92
C PHE A 149 -23.09 0.23 -18.33
N LEU A 150 -23.11 1.46 -17.81
CA LEU A 150 -24.31 2.01 -17.17
C LEU A 150 -25.48 2.09 -18.15
N THR A 151 -25.17 2.39 -19.41
CA THR A 151 -26.15 2.31 -20.51
C THR A 151 -26.62 0.88 -20.77
N LEU A 152 -25.70 -0.08 -20.83
CA LEU A 152 -26.08 -1.49 -21.10
C LEU A 152 -27.05 -2.07 -20.06
N ILE A 153 -26.87 -1.74 -18.79
CA ILE A 153 -27.78 -2.21 -17.75
C ILE A 153 -28.98 -1.27 -17.49
N ASP A 154 -29.00 -0.17 -18.24
CA ASP A 154 -30.04 0.84 -18.18
C ASP A 154 -30.30 1.41 -16.77
N VAL A 155 -29.27 1.97 -16.13
CA VAL A 155 -29.45 2.65 -14.81
C VAL A 155 -30.22 3.96 -15.00
N PRO A 156 -31.02 4.37 -13.99
CA PRO A 156 -31.80 5.62 -14.22
C PRO A 156 -30.88 6.83 -14.45
N LEU A 157 -31.27 7.69 -15.39
CA LEU A 157 -30.41 8.78 -15.84
C LEU A 157 -29.89 9.63 -14.66
N GLU A 158 -30.76 9.89 -13.68
CA GLU A 158 -30.40 10.67 -12.51
C GLU A 158 -29.33 10.05 -11.57
N ASP A 159 -29.15 8.72 -11.61
CA ASP A 159 -28.16 8.04 -10.77
C ASP A 159 -26.75 7.96 -11.37
N ARG A 160 -26.62 8.30 -12.65
CA ARG A 160 -25.34 8.19 -13.35
C ARG A 160 -24.12 8.88 -12.72
N PRO A 161 -24.24 10.16 -12.28
CA PRO A 161 -23.07 10.79 -11.64
C PRO A 161 -22.59 10.05 -10.38
N ARG A 162 -23.54 9.65 -9.52
CA ARG A 162 -23.20 8.85 -8.34
C ARG A 162 -22.58 7.52 -8.79
N LEU A 163 -23.25 6.82 -9.70
CA LEU A 163 -22.80 5.49 -10.13
C LEU A 163 -21.45 5.54 -10.86
N ARG A 164 -21.21 6.64 -11.59
CA ARG A 164 -19.95 6.88 -12.29
C ARG A 164 -18.81 7.02 -11.25
N GLN A 165 -19.04 7.81 -10.20
CA GLN A 165 -18.03 7.98 -9.15
C GLN A 165 -17.74 6.71 -8.36
N LEU A 166 -18.80 6.00 -7.95
CA LEU A 166 -18.66 4.67 -7.31
C LEU A 166 -17.82 3.72 -8.19
N GLY A 167 -18.05 3.76 -9.49
CA GLY A 167 -17.32 2.93 -10.45
C GLY A 167 -15.82 3.18 -10.58
N VAL A 168 -15.35 4.42 -10.34
CA VAL A 168 -13.92 4.77 -10.54
C VAL A 168 -12.88 3.87 -9.81
N GLN A 169 -13.22 3.39 -8.62
CA GLN A 169 -12.39 2.38 -7.90
C GLN A 169 -12.05 1.10 -8.71
N LEU A 170 -12.92 0.79 -9.68
CA LEU A 170 -12.89 -0.48 -10.39
C LEU A 170 -12.35 -0.34 -11.81
N THR A 171 -12.51 0.84 -12.40
CA THR A 171 -11.98 1.12 -13.74
C THR A 171 -10.48 1.36 -13.67
N ARG A 172 -10.02 1.88 -12.54
CA ARG A 172 -8.62 2.24 -12.36
C ARG A 172 -8.07 1.66 -11.06
N PRO A 173 -7.80 0.33 -11.03
CA PRO A 173 -7.33 -0.34 -9.81
C PRO A 173 -6.05 0.30 -9.24
N ASP A 174 -6.05 0.45 -7.92
CA ASP A 174 -5.07 1.26 -7.20
C ASP A 174 -4.16 0.40 -6.32
N GLY A 175 -4.69 -0.10 -5.21
CA GLY A 175 -3.89 -0.77 -4.19
C GLY A 175 -3.91 0.08 -2.92
N SER A 176 -3.61 -0.50 -1.76
CA SER A 176 -3.19 -1.90 -1.62
C SER A 176 -4.35 -2.90 -1.77
N MET A 177 -5.60 -2.41 -1.72
CA MET A 177 -6.81 -3.21 -2.00
C MET A 177 -6.49 -4.60 -2.56
N THR A 178 -6.71 -5.64 -1.75
CA THR A 178 -6.42 -7.02 -2.16
C THR A 178 -7.39 -7.52 -3.24
N VAL A 179 -7.12 -8.70 -3.82
CA VAL A 179 -8.07 -9.26 -4.78
C VAL A 179 -9.42 -9.49 -4.12
N GLU A 180 -9.43 -9.99 -2.89
CA GLU A 180 -10.69 -10.19 -2.16
C GLU A 180 -11.45 -8.87 -1.97
N GLN A 181 -10.74 -7.78 -1.67
CA GLN A 181 -11.42 -6.49 -1.47
C GLN A 181 -11.99 -5.94 -2.77
N LEU A 182 -11.26 -6.14 -3.87
CA LEU A 182 -11.72 -5.71 -5.20
C LEU A 182 -12.96 -6.51 -5.62
N LYS A 183 -12.92 -7.82 -5.41
CA LYS A 183 -14.10 -8.67 -5.64
C LYS A 183 -15.28 -8.19 -4.81
N GLN A 184 -15.05 -7.91 -3.53
CA GLN A 184 -16.15 -7.47 -2.67
C GLN A 184 -16.70 -6.08 -3.13
N ALA A 185 -15.79 -5.17 -3.50
CA ALA A 185 -16.15 -3.83 -4.00
C ALA A 185 -16.98 -3.97 -5.28
N ALA A 186 -16.56 -4.83 -6.21
CA ALA A 186 -17.36 -5.04 -7.42
C ALA A 186 -18.74 -5.56 -7.10
N ASP A 187 -18.81 -6.61 -6.29
CA ASP A 187 -20.09 -7.19 -5.89
C ASP A 187 -21.01 -6.16 -5.26
N ASP A 188 -20.48 -5.33 -4.38
CA ASP A 188 -21.30 -4.34 -3.67
C ASP A 188 -21.82 -3.28 -4.62
N TYR A 189 -20.99 -2.84 -5.54
CA TYR A 189 -21.41 -1.95 -6.64
C TYR A 189 -22.53 -2.52 -7.52
N LEU A 190 -22.37 -3.79 -7.91
CA LEU A 190 -23.30 -4.47 -8.79
C LEU A 190 -24.57 -4.91 -8.07
N TRP A 191 -24.47 -5.24 -6.78
CA TRP A 191 -25.64 -5.84 -6.12
C TRP A 191 -26.97 -5.08 -6.27
N PRO A 192 -26.97 -3.73 -6.11
CA PRO A 192 -28.29 -3.10 -6.25
C PRO A 192 -28.94 -3.32 -7.64
N PHE A 193 -28.12 -3.32 -8.69
CA PHE A 193 -28.63 -3.57 -10.05
C PHE A 193 -29.22 -4.97 -10.23
N ILE A 194 -28.46 -5.98 -9.77
CA ILE A 194 -28.84 -7.39 -9.87
C ILE A 194 -30.13 -7.64 -9.09
N GLU A 195 -30.18 -7.12 -7.86
CA GLU A 195 -31.33 -7.32 -7.00
C GLU A 195 -32.58 -6.84 -7.72
N LYS A 196 -32.48 -5.63 -8.31
CA LYS A 196 -33.61 -5.01 -9.00
C LYS A 196 -34.02 -5.79 -10.24
N ARG A 197 -33.04 -6.21 -11.03
CA ARG A 197 -33.33 -6.88 -12.30
C ARG A 197 -33.75 -8.34 -12.19
N MET A 198 -33.35 -9.01 -11.10
CA MET A 198 -33.83 -10.36 -10.86
C MET A 198 -35.28 -10.35 -10.32
N ALA A 199 -35.62 -9.34 -9.53
CA ALA A 199 -36.98 -9.14 -8.97
C ALA A 199 -37.98 -8.65 -10.01
N GLN A 200 -37.56 -7.64 -10.80
CA GLN A 200 -38.39 -6.97 -11.79
C GLN A 200 -37.64 -6.82 -13.11
N PRO A 201 -37.60 -7.88 -13.95
CA PRO A 201 -36.83 -7.81 -15.19
C PRO A 201 -37.29 -6.69 -16.12
N GLY A 202 -36.32 -5.92 -16.62
CA GLY A 202 -36.56 -5.00 -17.74
C GLY A 202 -36.03 -5.66 -19.00
N ASP A 203 -35.54 -4.87 -19.95
CA ASP A 203 -35.07 -5.39 -21.23
C ASP A 203 -33.58 -5.09 -21.44
N ASP A 204 -32.91 -4.64 -20.40
CA ASP A 204 -31.47 -4.37 -20.42
C ASP A 204 -30.64 -5.66 -20.42
N LEU A 205 -29.30 -5.50 -20.53
CA LEU A 205 -28.40 -6.65 -20.56
C LEU A 205 -28.52 -7.60 -19.39
N PHE A 206 -28.47 -7.11 -18.16
CA PHE A 206 -28.52 -8.02 -17.01
C PHE A 206 -29.86 -8.75 -16.98
N SER A 207 -30.95 -8.00 -17.14
CA SER A 207 -32.30 -8.58 -17.10
C SER A 207 -32.47 -9.73 -18.07
N ARG A 208 -31.94 -9.54 -19.25
CA ARG A 208 -32.12 -10.51 -20.29
C ARG A 208 -31.33 -11.80 -20.07
N ILE A 209 -30.16 -11.69 -19.46
CA ILE A 209 -29.38 -12.90 -19.18
C ILE A 209 -29.96 -13.61 -17.96
N LEU A 210 -30.32 -12.83 -16.95
CA LEU A 210 -30.75 -13.35 -15.65
C LEU A 210 -32.16 -13.94 -15.70
N SER A 211 -32.93 -13.60 -16.74
CA SER A 211 -34.31 -14.16 -16.85
C SER A 211 -34.33 -15.47 -17.66
N GLU A 212 -33.19 -15.81 -18.23
CA GLU A 212 -32.98 -17.10 -18.89
C GLU A 212 -32.62 -18.18 -17.86
N PRO A 213 -33.05 -19.43 -18.12
CA PRO A 213 -32.59 -20.53 -17.28
C PRO A 213 -31.13 -20.92 -17.57
N VAL A 214 -30.51 -21.57 -16.61
CA VAL A 214 -29.23 -22.22 -16.86
C VAL A 214 -29.47 -23.71 -16.68
N GLY A 215 -29.23 -24.49 -17.73
CA GLY A 215 -29.44 -25.94 -17.71
C GLY A 215 -30.81 -26.29 -17.18
N GLY A 216 -31.82 -25.54 -17.60
CA GLY A 216 -33.23 -25.84 -17.20
C GLY A 216 -33.64 -25.54 -15.77
N ARG A 217 -32.85 -24.70 -15.08
CA ARG A 217 -33.23 -24.26 -13.72
C ARG A 217 -32.82 -22.76 -13.56
N PRO A 218 -33.34 -22.07 -12.52
CA PRO A 218 -33.04 -20.63 -12.45
C PRO A 218 -31.59 -20.35 -12.04
N TRP A 219 -31.04 -19.18 -12.41
CA TRP A 219 -29.74 -18.74 -11.85
C TRP A 219 -29.82 -18.72 -10.33
N THR A 220 -28.78 -19.18 -9.64
CA THR A 220 -28.69 -18.92 -8.21
C THR A 220 -28.19 -17.49 -8.04
N VAL A 221 -28.38 -16.95 -6.85
CA VAL A 221 -27.91 -15.61 -6.58
C VAL A 221 -26.38 -15.57 -6.71
N ASP A 222 -25.68 -16.59 -6.21
CA ASP A 222 -24.21 -16.53 -6.31
C ASP A 222 -23.72 -16.60 -7.77
N GLU A 223 -24.39 -17.39 -8.61
CA GLU A 223 -24.01 -17.49 -10.03
C GLU A 223 -24.23 -16.14 -10.69
N ALA A 224 -25.34 -15.46 -10.35
CA ALA A 224 -25.60 -14.10 -10.84
C ALA A 224 -24.47 -13.19 -10.43
N ARG A 225 -24.03 -13.24 -9.16
CA ARG A 225 -22.91 -12.38 -8.72
C ARG A 225 -21.66 -12.58 -9.60
N ARG A 226 -21.29 -13.84 -9.81
CA ARG A 226 -20.08 -14.26 -10.59
C ARG A 226 -20.19 -13.87 -12.04
N MET A 227 -21.38 -14.05 -12.62
CA MET A 227 -21.56 -13.70 -14.04
C MET A 227 -21.51 -12.18 -14.27
N CYS A 228 -22.22 -11.45 -13.41
CA CYS A 228 -22.26 -10.00 -13.48
C CYS A 228 -20.91 -9.37 -13.27
N ARG A 229 -20.11 -9.91 -12.32
CA ARG A 229 -18.71 -9.50 -12.12
C ARG A 229 -17.87 -9.70 -13.41
N ASN A 230 -18.04 -10.86 -14.07
CA ASN A 230 -17.40 -11.08 -15.37
C ASN A 230 -17.80 -10.08 -16.47
N LEU A 231 -19.09 -9.76 -16.58
CA LEU A 231 -19.54 -8.78 -17.57
C LEU A 231 -18.96 -7.40 -17.32
N LEU A 232 -18.92 -6.99 -16.04
CA LEU A 232 -18.35 -5.71 -15.70
C LEU A 232 -16.87 -5.68 -16.02
N PHE A 233 -16.10 -6.60 -15.45
CA PHE A 233 -14.66 -6.58 -15.64
C PHE A 233 -14.24 -6.88 -17.08
N GLY A 234 -15.00 -7.75 -17.76
CA GLY A 234 -14.64 -8.20 -19.11
C GLY A 234 -14.69 -7.09 -20.17
N GLY A 235 -15.52 -6.08 -19.91
CA GLY A 235 -15.74 -4.99 -20.86
C GLY A 235 -15.06 -3.67 -20.48
N LEU A 236 -14.38 -3.62 -19.33
CA LEU A 236 -13.76 -2.37 -18.87
C LEU A 236 -12.33 -2.15 -19.38
N ASP A 237 -11.37 -2.90 -18.89
CA ASP A 237 -9.96 -2.64 -19.29
C ASP A 237 -9.73 -3.00 -20.76
N THR A 238 -10.42 -4.02 -21.27
CA THR A 238 -10.20 -4.44 -22.69
C THR A 238 -10.64 -3.34 -23.65
N VAL A 239 -11.81 -2.75 -23.39
CA VAL A 239 -12.36 -1.71 -24.27
C VAL A 239 -11.53 -0.42 -24.10
N ALA A 240 -11.14 -0.10 -22.87
CA ALA A 240 -10.29 1.03 -22.67
C ALA A 240 -8.99 0.87 -23.49
N ALA A 241 -8.39 -0.32 -23.46
CA ALA A 241 -7.12 -0.56 -24.13
C ALA A 241 -7.26 -0.42 -25.63
N MET A 242 -8.31 -1.03 -26.17
CA MET A 242 -8.53 -1.02 -27.62
C MET A 242 -8.80 0.40 -28.13
N ILE A 243 -9.65 1.14 -27.41
CA ILE A 243 -10.00 2.51 -27.80
C ILE A 243 -8.74 3.37 -27.79
N GLY A 244 -7.92 3.20 -26.75
CA GLY A 244 -6.63 3.92 -26.69
C GLY A 244 -5.72 3.60 -27.87
N MET A 245 -5.64 2.32 -28.27
CA MET A 245 -4.78 1.91 -29.36
C MET A 245 -5.29 2.49 -30.70
N VAL A 246 -6.61 2.47 -30.84
CA VAL A 246 -7.27 3.07 -32.03
C VAL A 246 -6.98 4.58 -32.13
N ALA A 247 -7.10 5.27 -31.01
CA ALA A 247 -6.78 6.72 -31.00
C ALA A 247 -5.30 6.99 -31.28
N LEU A 248 -4.43 6.17 -30.70
CA LEU A 248 -2.97 6.28 -30.88
C LEU A 248 -2.65 6.09 -32.39
N HIS A 249 -3.24 5.04 -32.99
CA HIS A 249 -3.08 4.82 -34.42
C HIS A 249 -3.44 6.04 -35.24
N LEU A 250 -4.63 6.59 -35.02
CA LEU A 250 -5.10 7.74 -35.77
C LEU A 250 -4.19 8.95 -35.57
N ALA A 251 -3.78 9.21 -34.33
CA ALA A 251 -2.84 10.33 -34.02
C ALA A 251 -1.52 10.20 -34.78
N ARG A 252 -1.04 8.96 -34.92
CA ARG A 252 0.21 8.66 -35.60
C ARG A 252 0.03 8.53 -37.11
N HIS A 253 -1.21 8.37 -37.59
CA HIS A 253 -1.50 8.18 -39.04
C HIS A 253 -2.49 9.21 -39.54
N PRO A 254 -2.05 10.48 -39.64
CA PRO A 254 -2.93 11.50 -40.16
C PRO A 254 -3.54 11.09 -41.50
N GLU A 255 -2.83 10.33 -42.33
CA GLU A 255 -3.44 9.84 -43.59
C GLU A 255 -4.68 8.96 -43.35
N ASP A 256 -4.68 8.17 -42.25
CA ASP A 256 -5.90 7.39 -41.93
C ASP A 256 -7.01 8.26 -41.35
N GLN A 257 -6.68 9.33 -40.62
CA GLN A 257 -7.75 10.25 -40.21
C GLN A 257 -8.41 10.81 -41.45
N ARG A 258 -7.57 11.21 -42.41
CA ARG A 258 -8.11 11.81 -43.62
C ARG A 258 -8.92 10.81 -44.38
N LEU A 259 -8.40 9.61 -44.55
CA LEU A 259 -9.17 8.54 -45.23
C LEU A 259 -10.56 8.31 -44.64
N LEU A 260 -10.64 8.16 -43.32
CA LEU A 260 -11.92 7.81 -42.70
C LEU A 260 -12.88 8.99 -42.52
N ARG A 261 -12.37 10.22 -42.59
CA ARG A 261 -13.25 11.38 -42.67
C ARG A 261 -13.82 11.59 -44.09
N GLU A 262 -12.99 11.35 -45.09
CA GLU A 262 -13.45 11.36 -46.49
C GLU A 262 -14.41 10.19 -46.79
N ARG A 263 -14.09 9.01 -46.28
CA ARG A 263 -14.88 7.82 -46.59
C ARG A 263 -15.37 7.17 -45.28
N PRO A 264 -16.45 7.72 -44.68
CA PRO A 264 -16.95 7.17 -43.44
C PRO A 264 -17.47 5.75 -43.61
N ASP A 265 -17.82 5.39 -44.83
CA ASP A 265 -18.24 4.01 -45.15
C ASP A 265 -17.14 2.93 -44.99
N LEU A 266 -15.88 3.36 -44.80
CA LEU A 266 -14.74 2.49 -44.51
C LEU A 266 -14.51 2.32 -43.02
N ILE A 267 -15.28 3.03 -42.20
CA ILE A 267 -15.11 2.84 -40.73
C ILE A 267 -15.31 1.40 -40.24
N PRO A 268 -16.36 0.68 -40.70
CA PRO A 268 -16.49 -0.71 -40.17
C PRO A 268 -15.27 -1.56 -40.53
N ALA A 269 -14.83 -1.47 -41.79
CA ALA A 269 -13.69 -2.25 -42.20
C ALA A 269 -12.42 -1.81 -41.47
N ALA A 270 -12.30 -0.51 -41.18
CA ALA A 270 -11.12 -0.01 -40.44
C ALA A 270 -11.18 -0.51 -38.99
N ALA A 271 -12.38 -0.61 -38.41
CA ALA A 271 -12.51 -1.10 -37.03
C ALA A 271 -12.05 -2.53 -36.95
N ASP A 272 -12.42 -3.36 -37.92
CA ASP A 272 -11.95 -4.75 -37.94
C ASP A 272 -10.44 -4.89 -38.10
N GLU A 273 -9.85 -4.12 -39.01
CA GLU A 273 -8.41 -4.14 -39.29
C GLU A 273 -7.63 -3.58 -38.08
N LEU A 274 -8.11 -2.51 -37.46
CA LEU A 274 -7.40 -1.97 -36.26
C LEU A 274 -7.47 -2.95 -35.07
N MET A 275 -8.60 -3.62 -34.92
CA MET A 275 -8.76 -4.64 -33.85
C MET A 275 -7.83 -5.83 -34.06
N ARG A 276 -7.61 -6.19 -35.32
CA ARG A 276 -6.66 -7.25 -35.68
C ARG A 276 -5.25 -6.76 -35.40
N ARG A 277 -5.00 -5.48 -35.71
CA ARG A 277 -3.62 -4.93 -35.72
C ARG A 277 -3.07 -4.69 -34.31
N TYR A 278 -3.97 -4.35 -33.36
CA TYR A 278 -3.53 -3.95 -31.99
C TYR A 278 -4.08 -4.77 -30.84
N PRO A 279 -3.88 -6.11 -30.88
CA PRO A 279 -4.40 -6.93 -29.79
C PRO A 279 -3.49 -6.86 -28.57
N THR A 280 -4.09 -6.82 -27.39
CA THR A 280 -3.24 -6.70 -26.19
C THR A 280 -3.67 -7.65 -25.09
N VAL A 281 -4.56 -8.59 -25.43
CA VAL A 281 -5.08 -9.51 -24.41
C VAL A 281 -4.25 -10.81 -24.37
N ALA A 282 -3.85 -11.22 -23.17
CA ALA A 282 -3.22 -12.55 -22.98
C ALA A 282 -3.99 -13.30 -21.93
N VAL A 283 -4.02 -14.64 -22.04
CA VAL A 283 -4.78 -15.46 -21.10
C VAL A 283 -3.93 -16.58 -20.51
N SER A 284 -4.40 -17.12 -19.40
CA SER A 284 -3.71 -18.26 -18.76
C SER A 284 -4.53 -19.54 -18.85
N ARG A 285 -3.86 -20.69 -18.88
CA ARG A 285 -4.58 -21.98 -18.77
C ARG A 285 -3.80 -22.87 -17.83
N ASN A 286 -4.47 -23.86 -17.23
CA ASN A 286 -3.74 -24.85 -16.46
C ASN A 286 -3.99 -26.20 -17.11
N ALA A 287 -2.94 -26.95 -17.31
CA ALA A 287 -3.10 -28.25 -17.94
C ALA A 287 -3.85 -29.24 -17.04
N VAL A 288 -4.89 -29.88 -17.58
CA VAL A 288 -5.60 -30.99 -16.86
C VAL A 288 -5.36 -32.40 -17.47
N ALA A 289 -4.65 -32.42 -18.60
CA ALA A 289 -4.12 -33.63 -19.25
C ALA A 289 -2.79 -33.21 -19.84
N ASP A 290 -1.86 -34.16 -20.08
CA ASP A 290 -0.60 -33.79 -20.75
C ASP A 290 -0.91 -33.35 -22.18
N VAL A 291 -0.12 -32.39 -22.69
CA VAL A 291 -0.34 -31.84 -24.04
C VAL A 291 0.99 -31.71 -24.73
N ASP A 292 1.18 -32.46 -25.81
CA ASP A 292 2.36 -32.27 -26.63
C ASP A 292 2.15 -31.10 -27.54
N ALA A 293 3.20 -30.27 -27.65
CA ALA A 293 3.16 -29.03 -28.40
C ALA A 293 4.58 -28.58 -28.73
N ASP A 294 4.81 -28.25 -30.00
CA ASP A 294 6.10 -27.72 -30.45
C ASP A 294 7.30 -28.59 -30.05
N GLY A 295 7.09 -29.90 -29.91
CA GLY A 295 8.18 -30.82 -29.55
C GLY A 295 8.48 -30.96 -28.07
N VAL A 296 7.62 -30.42 -27.22
CA VAL A 296 7.73 -30.62 -25.76
C VAL A 296 6.37 -31.09 -25.25
N THR A 297 6.30 -31.40 -23.96
CA THR A 297 5.07 -31.85 -23.32
C THR A 297 4.77 -30.92 -22.16
N ILE A 298 3.64 -30.26 -22.26
CA ILE A 298 3.09 -29.54 -21.14
C ILE A 298 2.47 -30.62 -20.23
N ARG A 299 2.88 -30.70 -18.99
CA ARG A 299 2.37 -31.73 -18.06
C ARG A 299 1.19 -31.23 -17.27
N LYS A 300 0.29 -32.15 -16.90
CA LYS A 300 -0.81 -31.84 -15.98
C LYS A 300 -0.35 -31.00 -14.80
N GLY A 301 -1.05 -29.89 -14.58
CA GLY A 301 -0.69 -28.97 -13.51
C GLY A 301 0.19 -27.81 -13.92
N ASP A 302 0.86 -27.91 -15.06
CA ASP A 302 1.65 -26.78 -15.57
C ASP A 302 0.70 -25.66 -15.97
N LEU A 303 1.13 -24.42 -15.77
CA LEU A 303 0.42 -23.25 -16.34
C LEU A 303 1.00 -22.83 -17.70
N VAL A 304 0.13 -22.33 -18.57
CA VAL A 304 0.48 -21.91 -19.92
C VAL A 304 -0.08 -20.50 -20.16
N TYR A 305 0.76 -19.59 -20.64
CA TYR A 305 0.33 -18.20 -20.90
C TYR A 305 0.27 -18.00 -22.41
N LEU A 306 -0.82 -17.41 -22.88
CA LEU A 306 -1.12 -17.30 -24.31
C LEU A 306 -1.36 -15.85 -24.70
N PRO A 307 -0.38 -15.22 -25.39
CA PRO A 307 -0.53 -13.85 -25.83
C PRO A 307 -1.13 -13.77 -27.23
N SER A 308 -2.29 -13.13 -27.34
CA SER A 308 -2.91 -13.00 -28.67
C SER A 308 -2.04 -12.25 -29.70
N VAL A 309 -1.22 -11.31 -29.23
CA VAL A 309 -0.33 -10.54 -30.13
C VAL A 309 0.60 -11.47 -30.93
N LEU A 310 1.01 -12.62 -30.36
CA LEU A 310 1.95 -13.49 -31.03
C LEU A 310 1.28 -14.45 -32.02
N HIS A 311 -0.06 -14.45 -32.08
CA HIS A 311 -0.73 -14.98 -33.29
C HIS A 311 -0.93 -13.89 -34.32
N ASN A 312 -1.70 -12.85 -33.98
CA ASN A 312 -2.02 -11.78 -34.94
C ASN A 312 -0.83 -11.14 -35.62
N LEU A 313 0.24 -10.89 -34.88
CA LEU A 313 1.34 -10.14 -35.46
C LEU A 313 2.57 -11.00 -35.84
N ASP A 314 2.39 -12.31 -35.89
CA ASP A 314 3.49 -13.24 -36.21
C ASP A 314 3.45 -13.32 -37.75
N PRO A 315 4.51 -12.82 -38.41
CA PRO A 315 4.58 -12.87 -39.90
C PRO A 315 4.49 -14.29 -40.46
N ALA A 316 4.75 -15.29 -39.61
CA ALA A 316 4.57 -16.66 -40.05
C ALA A 316 3.07 -17.10 -40.08
N SER A 317 2.20 -16.36 -39.38
CA SER A 317 0.75 -16.65 -39.40
C SER A 317 -0.07 -15.74 -40.31
N PHE A 318 0.41 -14.51 -40.50
CA PHE A 318 -0.30 -13.54 -41.34
C PHE A 318 0.71 -12.73 -42.13
N GLU A 319 0.38 -12.45 -43.38
CA GLU A 319 1.29 -11.73 -44.25
C GLU A 319 1.36 -10.25 -43.88
N ALA A 320 2.57 -9.69 -43.74
CA ALA A 320 2.76 -8.26 -43.50
C ALA A 320 1.83 -7.78 -42.38
N PRO A 321 1.88 -8.49 -41.23
CA PRO A 321 0.87 -8.33 -40.15
C PRO A 321 0.82 -6.92 -39.55
N GLU A 322 1.90 -6.15 -39.64
CA GLU A 322 1.90 -4.82 -39.07
C GLU A 322 1.30 -3.73 -40.00
N GLU A 323 0.99 -4.08 -41.25
CA GLU A 323 0.30 -3.16 -42.16
C GLU A 323 -1.20 -3.16 -41.90
N VAL A 324 -1.79 -1.99 -41.84
CA VAL A 324 -3.23 -1.84 -41.73
C VAL A 324 -3.67 -1.79 -43.20
N ARG A 325 -4.40 -2.82 -43.64
CA ARG A 325 -4.84 -2.90 -45.04
C ARG A 325 -6.16 -3.58 -45.22
N PHE A 326 -6.81 -3.30 -46.34
CA PHE A 326 -8.23 -3.57 -46.49
C PHE A 326 -8.49 -4.75 -47.43
N ASP A 327 -7.43 -5.37 -47.91
CA ASP A 327 -7.56 -6.46 -48.90
C ASP A 327 -7.28 -7.84 -48.30
N ARG A 328 -7.37 -7.96 -46.97
CA ARG A 328 -7.09 -9.26 -46.35
C ARG A 328 -8.24 -10.26 -46.45
N GLY A 329 -9.48 -9.78 -46.55
CA GLY A 329 -10.62 -10.69 -46.63
C GLY A 329 -10.67 -11.62 -45.41
N LEU A 330 -10.31 -11.08 -44.25
CA LEU A 330 -10.10 -11.90 -43.05
C LEU A 330 -11.28 -11.74 -42.11
N ALA A 331 -12.13 -12.76 -41.93
CA ALA A 331 -13.13 -12.68 -40.86
C ALA A 331 -12.47 -12.53 -39.45
N PRO A 332 -13.08 -11.70 -38.57
CA PRO A 332 -12.47 -11.45 -37.25
C PRO A 332 -12.22 -12.76 -36.46
N ILE A 333 -13.08 -13.76 -36.63
CA ILE A 333 -12.87 -15.06 -35.99
C ILE A 333 -11.56 -15.74 -36.37
N ARG A 334 -10.98 -15.39 -37.52
CA ARG A 334 -9.75 -16.05 -37.97
C ARG A 334 -8.49 -15.53 -37.28
N HIS A 335 -8.60 -14.42 -36.57
CA HIS A 335 -7.47 -14.02 -35.74
C HIS A 335 -7.88 -14.15 -34.26
N THR A 336 -7.01 -13.70 -33.38
CA THR A 336 -7.11 -14.10 -31.97
C THR A 336 -7.36 -12.93 -31.02
N THR A 337 -7.73 -11.74 -31.56
CA THR A 337 -7.98 -10.59 -30.66
C THR A 337 -9.03 -10.94 -29.59
N MET A 338 -10.06 -11.68 -29.99
CA MET A 338 -11.16 -12.03 -29.11
C MET A 338 -11.04 -13.47 -28.58
N GLY A 339 -9.89 -14.09 -28.80
CA GLY A 339 -9.67 -15.47 -28.36
C GLY A 339 -10.03 -16.48 -29.43
N VAL A 340 -10.19 -17.71 -29.00
CA VAL A 340 -10.48 -18.81 -29.96
C VAL A 340 -11.27 -19.94 -29.34
N GLY A 341 -12.14 -20.53 -30.15
CA GLY A 341 -12.91 -21.71 -29.73
C GLY A 341 -14.00 -21.38 -28.73
N ALA A 342 -14.17 -22.28 -27.74
CA ALA A 342 -15.37 -22.26 -26.89
C ALA A 342 -15.52 -20.96 -26.09
N HIS A 343 -14.41 -20.36 -25.64
CA HIS A 343 -14.47 -19.20 -24.76
C HIS A 343 -14.38 -17.86 -25.52
N ARG A 344 -14.45 -17.92 -26.86
CA ARG A 344 -14.28 -16.67 -27.65
C ARG A 344 -15.20 -15.55 -27.14
N CYS A 345 -14.65 -14.34 -26.99
CA CYS A 345 -15.40 -13.23 -26.35
C CYS A 345 -16.88 -13.15 -26.72
N VAL A 346 -17.78 -13.30 -25.74
CA VAL A 346 -19.21 -13.05 -25.97
C VAL A 346 -19.48 -11.61 -26.32
N GLY A 347 -18.60 -10.70 -25.90
CA GLY A 347 -18.80 -9.28 -26.24
C GLY A 347 -18.15 -8.87 -27.56
N ALA A 348 -17.79 -9.84 -28.41
CA ALA A 348 -17.01 -9.55 -29.64
C ALA A 348 -17.82 -8.62 -30.53
N GLY A 349 -19.10 -8.91 -30.67
CA GLY A 349 -19.98 -8.04 -31.42
C GLY A 349 -20.12 -6.64 -30.81
N LEU A 350 -20.35 -6.60 -29.51
CA LEU A 350 -20.47 -5.32 -28.82
C LEU A 350 -19.21 -4.49 -28.91
N ALA A 351 -18.05 -5.12 -28.72
CA ALA A 351 -16.74 -4.41 -28.81
C ALA A 351 -16.56 -3.79 -30.19
N ARG A 352 -16.89 -4.54 -31.25
CA ARG A 352 -16.77 -4.03 -32.63
C ARG A 352 -17.64 -2.76 -32.81
N MET A 353 -18.87 -2.83 -32.29
CA MET A 353 -19.78 -1.69 -32.31
C MET A 353 -19.25 -0.49 -31.54
N GLU A 354 -18.69 -0.74 -30.36
CA GLU A 354 -18.10 0.36 -29.59
C GLU A 354 -16.94 1.03 -30.35
N VAL A 355 -16.08 0.24 -30.98
CA VAL A 355 -14.95 0.81 -31.74
C VAL A 355 -15.48 1.61 -32.94
N ILE A 356 -16.44 1.04 -33.66
CA ILE A 356 -17.09 1.77 -34.80
C ILE A 356 -17.74 3.08 -34.34
N VAL A 357 -18.47 3.04 -33.24
CA VAL A 357 -19.13 4.25 -32.77
C VAL A 357 -18.11 5.33 -32.32
N PHE A 358 -17.03 4.85 -31.71
CA PHE A 358 -15.91 5.72 -31.35
C PHE A 358 -15.32 6.42 -32.57
N LEU A 359 -15.04 5.64 -33.62
CA LEU A 359 -14.49 6.20 -34.85
C LEU A 359 -15.49 7.19 -35.45
N ARG A 360 -16.76 6.85 -35.46
CA ARG A 360 -17.74 7.74 -36.10
C ARG A 360 -17.77 9.07 -35.36
N GLU A 361 -17.82 9.01 -34.05
CA GLU A 361 -17.95 10.25 -33.29
C GLU A 361 -16.69 11.05 -33.17
N TRP A 362 -15.56 10.38 -32.99
CA TRP A 362 -14.27 11.08 -32.81
C TRP A 362 -13.82 11.73 -34.08
N LEU A 363 -13.81 10.96 -35.16
CA LEU A 363 -13.50 11.49 -36.48
C LEU A 363 -14.50 12.52 -36.97
N GLY A 364 -15.80 12.26 -36.79
CA GLY A 364 -16.84 13.16 -37.23
C GLY A 364 -16.87 14.45 -36.44
N GLY A 365 -16.61 14.39 -35.14
CA GLY A 365 -16.73 15.56 -34.27
C GLY A 365 -15.45 16.34 -34.01
N MET A 366 -14.30 15.68 -34.14
CA MET A 366 -13.01 16.32 -33.83
C MET A 366 -12.33 16.85 -35.07
N PRO A 367 -11.60 17.97 -34.93
CA PRO A 367 -10.74 18.37 -36.04
C PRO A 367 -9.57 17.43 -36.13
N GLU A 368 -8.62 17.75 -37.01
CA GLU A 368 -7.43 16.94 -37.14
C GLU A 368 -6.68 16.99 -35.82
N PHE A 369 -6.16 15.85 -35.39
CA PHE A 369 -5.46 15.80 -34.10
C PHE A 369 -4.11 15.10 -34.24
N ALA A 370 -3.23 15.31 -33.25
CA ALA A 370 -1.86 14.77 -33.29
C ALA A 370 -1.34 14.51 -31.91
N LEU A 371 -0.20 13.83 -31.82
CA LEU A 371 0.44 13.71 -30.52
C LEU A 371 0.99 15.08 -30.07
N ALA A 372 1.02 15.32 -28.77
CA ALA A 372 1.65 16.53 -28.22
C ALA A 372 3.13 16.58 -28.56
N PRO A 373 3.68 17.78 -28.76
CA PRO A 373 5.10 17.80 -29.15
C PRO A 373 6.10 17.39 -28.06
N ASP A 374 5.81 17.65 -26.79
CA ASP A 374 6.84 17.40 -25.73
C ASP A 374 6.47 16.36 -24.65
N LYS A 375 5.45 15.55 -24.90
CA LYS A 375 5.07 14.52 -23.94
C LYS A 375 5.11 13.17 -24.63
N ALA A 376 5.45 12.12 -23.90
CA ALA A 376 5.64 10.80 -24.54
C ALA A 376 4.39 9.94 -24.44
N VAL A 377 4.28 9.00 -25.37
CA VAL A 377 3.32 7.90 -25.31
C VAL A 377 3.98 6.78 -24.50
N THR A 378 3.31 6.32 -23.44
CA THR A 378 3.84 5.20 -22.64
C THR A 378 2.78 4.11 -22.59
N MET A 379 3.23 2.87 -22.39
CA MET A 379 2.35 1.71 -22.39
C MET A 379 2.68 0.86 -21.18
N LYS A 380 1.83 -0.12 -20.86
CA LYS A 380 2.13 -1.14 -19.86
C LYS A 380 1.79 -2.54 -20.38
N GLY A 381 2.28 -3.56 -19.67
CA GLY A 381 2.05 -4.95 -20.06
C GLY A 381 1.01 -5.57 -19.15
N GLY A 382 1.24 -6.77 -18.63
CA GLY A 382 0.16 -7.48 -17.88
C GLY A 382 -0.79 -8.23 -18.82
N ASN A 383 -1.92 -8.72 -18.28
CA ASN A 383 -2.83 -9.53 -19.06
C ASN A 383 -3.58 -8.71 -20.10
N VAL A 384 -3.80 -7.42 -19.86
CA VAL A 384 -4.43 -6.55 -20.87
C VAL A 384 -3.51 -5.34 -21.05
N GLY A 385 -2.63 -5.40 -22.04
CA GLY A 385 -1.69 -4.33 -22.35
C GLY A 385 -2.41 -3.10 -22.83
N ALA A 386 -1.84 -1.92 -22.54
CA ALA A 386 -2.54 -0.68 -22.81
C ALA A 386 -1.60 0.52 -22.81
N CYS A 387 -1.99 1.58 -23.54
CA CYS A 387 -1.42 2.90 -23.30
C CYS A 387 -1.67 3.35 -21.86
N THR A 388 -0.65 3.90 -21.20
CA THR A 388 -0.86 4.54 -19.90
C THR A 388 -0.86 6.07 -20.03
N ALA A 389 -0.23 6.60 -21.09
CA ALA A 389 -0.45 8.02 -21.44
C ALA A 389 -0.48 8.21 -22.95
N LEU A 390 -1.45 9.01 -23.35
CA LEU A 390 -1.62 9.35 -24.74
C LEU A 390 -2.01 10.83 -24.88
N PRO A 391 -1.01 11.72 -24.92
CA PRO A 391 -1.29 13.15 -24.94
C PRO A 391 -1.56 13.63 -26.36
N LEU A 392 -2.79 14.11 -26.60
CA LEU A 392 -3.24 14.60 -27.89
C LEU A 392 -3.39 16.10 -27.88
N VAL A 393 -3.30 16.73 -29.05
CA VAL A 393 -3.48 18.15 -29.25
C VAL A 393 -4.24 18.36 -30.56
N TRP A 394 -5.01 19.44 -30.62
CA TRP A 394 -5.75 19.84 -31.80
C TRP A 394 -6.11 21.32 -31.70
N ARG A 395 -6.52 21.90 -32.83
CA ARG A 395 -6.91 23.30 -32.83
C ARG A 395 -8.39 23.33 -32.52
N ALA A 396 -8.76 23.92 -31.40
CA ALA A 396 -10.19 23.89 -31.01
C ALA A 396 -10.99 25.02 -31.65
N MET B 1 51.48 2.24 -20.82
CA MET B 1 52.70 2.99 -20.38
C MET B 1 52.54 3.69 -19.04
N ILE B 2 53.67 3.86 -18.38
CA ILE B 2 53.71 4.42 -17.06
C ILE B 2 54.40 5.78 -17.21
N PRO B 3 53.73 6.87 -16.77
CA PRO B 3 54.33 8.21 -16.84
C PRO B 3 55.63 8.28 -16.04
N ALA B 4 56.56 9.15 -16.45
CA ALA B 4 57.86 9.28 -15.77
C ALA B 4 57.78 9.65 -14.27
N HIS B 5 56.74 10.38 -13.88
CA HIS B 5 56.63 10.80 -12.50
C HIS B 5 56.01 9.71 -11.59
N VAL B 6 55.62 8.58 -12.15
CA VAL B 6 55.04 7.46 -11.37
C VAL B 6 56.11 6.42 -11.10
N PRO B 7 56.51 6.26 -9.82
CA PRO B 7 57.51 5.20 -9.49
C PRO B 7 56.96 3.84 -9.85
N ALA B 8 57.82 2.94 -10.33
CA ALA B 8 57.35 1.62 -10.75
C ALA B 8 56.65 0.88 -9.60
N ASP B 9 57.11 1.08 -8.36
CA ASP B 9 56.53 0.33 -7.24
C ASP B 9 55.10 0.78 -6.87
N ARG B 10 54.65 1.88 -7.48
CA ARG B 10 53.27 2.43 -7.28
C ARG B 10 52.29 2.03 -8.36
N VAL B 11 52.73 1.29 -9.37
CA VAL B 11 51.85 0.84 -10.44
C VAL B 11 50.94 -0.36 -10.06
N VAL B 12 49.65 -0.24 -10.35
CA VAL B 12 48.68 -1.35 -10.25
C VAL B 12 47.82 -1.41 -11.50
N ASP B 13 46.98 -2.42 -11.62
CA ASP B 13 46.05 -2.42 -12.74
C ASP B 13 44.58 -2.42 -12.27
N PHE B 14 44.42 -2.15 -10.98
CA PHE B 14 43.10 -2.10 -10.30
C PHE B 14 42.06 -1.35 -11.14
N ASP B 15 40.97 -2.05 -11.49
CA ASP B 15 39.87 -1.49 -12.26
C ASP B 15 38.78 -1.06 -11.28
N ILE B 16 38.57 0.25 -11.17
CA ILE B 16 37.58 0.78 -10.23
C ILE B 16 36.14 0.37 -10.53
N PHE B 17 35.88 0.01 -11.79
CA PHE B 17 34.53 -0.42 -12.18
C PHE B 17 34.33 -1.88 -11.87
N ASN B 18 35.42 -2.62 -11.71
CA ASN B 18 35.33 -4.05 -11.42
C ASN B 18 36.45 -4.60 -10.57
N PRO B 19 36.55 -4.16 -9.32
CA PRO B 19 37.67 -4.61 -8.51
C PRO B 19 37.56 -6.15 -8.31
N PRO B 20 38.70 -6.85 -8.26
CA PRO B 20 38.67 -8.30 -8.07
C PRO B 20 37.87 -8.71 -6.82
N GLY B 21 36.92 -9.62 -6.97
CA GLY B 21 36.11 -10.08 -5.83
C GLY B 21 34.96 -9.16 -5.41
N VAL B 22 34.72 -8.09 -6.17
CA VAL B 22 33.68 -7.09 -5.82
C VAL B 22 32.29 -7.73 -5.77
N GLU B 23 32.07 -8.75 -6.60
CA GLU B 23 30.75 -9.34 -6.72
C GLU B 23 30.34 -10.03 -5.40
N GLN B 24 31.33 -10.56 -4.69
CA GLN B 24 31.10 -11.13 -3.37
C GLN B 24 31.14 -10.08 -2.23
N ASP B 25 32.09 -9.15 -2.25
CA ASP B 25 32.28 -8.28 -1.09
C ASP B 25 32.99 -7.02 -1.60
N TYR B 26 32.21 -5.98 -1.84
CA TYR B 26 32.74 -4.65 -2.22
C TYR B 26 33.84 -4.17 -1.28
N PHE B 27 33.62 -4.33 0.01
CA PHE B 27 34.54 -3.79 1.03
C PHE B 27 35.90 -4.50 1.01
N ALA B 28 35.87 -5.83 0.97
CA ALA B 28 37.11 -6.58 0.93
C ALA B 28 37.91 -6.31 -0.37
N ALA B 29 37.19 -6.17 -1.49
CA ALA B 29 37.81 -5.91 -2.81
C ALA B 29 38.62 -4.60 -2.78
N TRP B 30 38.00 -3.54 -2.23
CA TRP B 30 38.71 -2.27 -2.07
C TRP B 30 39.83 -2.29 -1.06
N LYS B 31 39.58 -2.92 0.09
CA LYS B 31 40.60 -3.02 1.14
C LYS B 31 41.91 -3.72 0.81
N THR B 32 41.91 -4.47 -0.28
CA THR B 32 43.13 -5.03 -0.81
C THR B 32 44.22 -3.95 -1.03
N LEU B 33 43.80 -2.73 -1.40
CA LEU B 33 44.75 -1.63 -1.64
C LEU B 33 45.44 -1.13 -0.36
N LEU B 34 44.85 -1.43 0.81
CA LEU B 34 45.49 -1.03 2.07
C LEU B 34 46.83 -1.75 2.30
N ASP B 35 47.06 -2.84 1.56
CA ASP B 35 48.30 -3.59 1.70
C ASP B 35 49.42 -3.17 0.72
N GLY B 36 49.21 -2.05 0.04
CA GLY B 36 50.20 -1.52 -0.87
C GLY B 36 50.50 -0.06 -0.51
N PRO B 37 51.16 0.65 -1.41
CA PRO B 37 51.45 2.06 -1.19
C PRO B 37 50.18 2.89 -1.04
N GLY B 38 50.29 3.99 -0.29
CA GLY B 38 49.17 4.87 0.07
C GLY B 38 48.63 5.70 -1.07
N LEU B 39 49.37 5.73 -2.17
CA LEU B 39 48.90 6.39 -3.40
C LEU B 39 49.47 5.61 -4.57
N VAL B 40 48.59 5.04 -5.38
CA VAL B 40 48.96 4.15 -6.49
C VAL B 40 48.45 4.70 -7.82
N TRP B 41 49.09 4.29 -8.90
CA TRP B 41 48.69 4.69 -10.25
C TRP B 41 48.13 3.46 -10.96
N SER B 42 46.85 3.50 -11.33
CA SER B 42 46.31 2.39 -12.06
C SER B 42 46.47 2.68 -13.53
N THR B 43 46.85 1.64 -14.26
CA THR B 43 46.90 1.73 -15.72
C THR B 43 45.51 1.52 -16.37
N ALA B 44 44.55 1.05 -15.59
CA ALA B 44 43.17 0.87 -16.10
C ALA B 44 42.48 2.20 -16.37
N ASN B 45 41.45 2.16 -17.22
CA ASN B 45 40.53 3.27 -17.40
C ASN B 45 41.26 4.55 -17.77
N GLY B 46 42.25 4.41 -18.65
CA GLY B 46 42.99 5.54 -19.18
C GLY B 46 44.10 6.05 -18.29
N GLY B 47 44.36 5.40 -17.16
CA GLY B 47 45.44 5.85 -16.28
C GLY B 47 45.05 6.93 -15.28
N HIS B 48 45.20 6.61 -13.99
CA HIS B 48 44.82 7.57 -12.96
C HIS B 48 45.37 7.12 -11.60
N TRP B 49 45.53 8.07 -10.69
CA TRP B 49 45.90 7.77 -9.30
C TRP B 49 44.69 7.23 -8.50
N ILE B 50 45.00 6.46 -7.44
CA ILE B 50 43.99 6.01 -6.48
C ILE B 50 44.61 6.23 -5.11
N ALA B 51 43.90 6.96 -4.24
CA ALA B 51 44.33 7.13 -2.90
C ALA B 51 43.98 5.85 -2.17
N ALA B 52 44.93 5.34 -1.37
CA ALA B 52 44.85 3.94 -0.92
C ALA B 52 45.19 3.77 0.55
N ARG B 53 45.14 4.87 1.29
CA ARG B 53 45.36 4.87 2.74
C ARG B 53 44.49 6.00 3.27
N GLY B 54 43.97 5.85 4.47
CA GLY B 54 43.01 6.83 4.98
C GLY B 54 43.49 8.26 5.04
N ASP B 55 44.72 8.50 5.53
CA ASP B 55 45.18 9.89 5.57
C ASP B 55 45.28 10.51 4.17
N VAL B 56 45.65 9.71 3.17
CA VAL B 56 45.72 10.19 1.78
C VAL B 56 44.31 10.48 1.20
N VAL B 57 43.38 9.56 1.38
CA VAL B 57 42.00 9.79 0.93
C VAL B 57 41.47 11.10 1.51
N ARG B 58 41.58 11.24 2.83
CA ARG B 58 41.01 12.33 3.58
C ARG B 58 41.68 13.68 3.19
N GLU B 59 43.01 13.70 2.99
CA GLU B 59 43.66 14.98 2.69
C GLU B 59 43.40 15.42 1.25
N LEU B 60 43.47 14.48 0.33
CA LEU B 60 43.22 14.79 -1.07
C LEU B 60 41.78 15.21 -1.32
N TRP B 61 40.85 14.56 -0.63
CA TRP B 61 39.41 14.90 -0.79
C TRP B 61 39.08 16.33 -0.33
N GLY B 62 39.66 16.76 0.78
CA GLY B 62 39.53 18.14 1.23
C GLY B 62 40.29 19.18 0.41
N ASP B 63 41.20 18.78 -0.49
CA ASP B 63 42.02 19.75 -1.26
C ASP B 63 41.28 20.21 -2.49
N ALA B 64 40.24 21.01 -2.27
CA ALA B 64 39.28 21.41 -3.30
C ALA B 64 39.88 22.43 -4.28
N GLU B 65 40.95 23.10 -3.86
CA GLU B 65 41.59 24.12 -4.70
C GLU B 65 42.53 23.55 -5.78
N ARG B 66 43.26 22.51 -5.44
CA ARG B 66 44.27 21.99 -6.35
C ARG B 66 43.79 20.77 -7.07
N LEU B 67 42.78 20.11 -6.48
CA LEU B 67 42.16 18.93 -7.09
C LEU B 67 40.71 19.25 -7.43
N SER B 68 40.47 19.55 -8.69
CA SER B 68 39.18 20.11 -9.15
C SER B 68 38.08 19.05 -9.19
N SER B 69 36.84 19.47 -8.98
CA SER B 69 35.67 18.57 -9.09
C SER B 69 35.03 18.54 -10.49
N GLN B 70 35.63 19.23 -11.44
CA GLN B 70 34.99 19.44 -12.77
C GLN B 70 34.84 18.17 -13.60
N CYS B 71 35.79 17.24 -13.48
CA CYS B 71 35.87 16.09 -14.36
C CYS B 71 34.75 15.05 -14.12
N LEU B 72 34.26 15.02 -12.89
CA LEU B 72 33.21 14.11 -12.40
C LEU B 72 33.58 12.63 -12.31
N ALA B 73 34.18 12.09 -13.37
CA ALA B 73 34.41 10.66 -13.48
C ALA B 73 35.67 10.38 -14.30
N VAL B 74 36.25 9.18 -14.16
CA VAL B 74 37.39 8.78 -15.02
C VAL B 74 36.96 8.38 -16.44
N THR B 75 35.67 8.17 -16.64
CA THR B 75 35.11 7.92 -17.97
C THR B 75 35.01 9.25 -18.71
N PRO B 76 35.67 9.32 -19.88
CA PRO B 76 35.69 10.51 -20.73
C PRO B 76 34.27 10.95 -21.06
N GLY B 77 34.03 12.26 -20.99
CA GLY B 77 32.78 12.84 -21.46
C GLY B 77 31.63 12.91 -20.48
N LEU B 78 31.71 12.13 -19.40
CA LEU B 78 30.61 12.02 -18.43
C LEU B 78 30.35 13.35 -17.72
N GLY B 79 31.41 13.98 -17.21
CA GLY B 79 31.26 15.27 -16.55
C GLY B 79 30.84 16.38 -17.52
N LYS B 80 31.36 16.30 -18.76
CA LYS B 80 31.03 17.32 -19.76
C LYS B 80 29.51 17.38 -20.01
N VAL B 81 28.88 16.22 -20.05
CA VAL B 81 27.44 16.18 -20.26
C VAL B 81 26.63 16.51 -19.00
N MET B 82 27.02 16.01 -17.82
CA MET B 82 26.15 16.17 -16.66
C MET B 82 26.17 17.59 -16.08
N GLN B 83 27.35 18.22 -16.04
CA GLN B 83 27.48 19.59 -15.52
C GLN B 83 26.68 19.86 -14.24
N PHE B 84 26.78 18.96 -13.27
CA PHE B 84 26.01 19.04 -12.03
C PHE B 84 26.35 20.28 -11.23
N ILE B 85 25.33 20.91 -10.65
CA ILE B 85 25.53 22.01 -9.71
C ILE B 85 24.96 21.55 -8.35
N PRO B 86 25.71 21.70 -7.24
CA PRO B 86 27.05 22.26 -7.10
C PRO B 86 28.17 21.24 -7.23
N LEU B 87 27.86 19.98 -7.50
CA LEU B 87 28.88 18.89 -7.45
C LEU B 87 30.16 19.11 -8.27
N GLN B 88 30.03 19.62 -9.48
CA GLN B 88 31.16 19.79 -10.38
C GLN B 88 31.80 21.18 -10.38
N GLN B 89 31.33 22.08 -9.54
CA GLN B 89 31.89 23.43 -9.51
C GLN B 89 33.07 23.57 -8.56
N ASP B 90 33.92 24.54 -8.87
CA ASP B 90 35.05 24.89 -7.98
C ASP B 90 35.01 26.33 -7.48
N GLY B 91 35.72 26.57 -6.39
CA GLY B 91 36.06 27.94 -5.95
C GLY B 91 34.86 28.82 -5.58
N ALA B 92 34.90 30.08 -6.01
CA ALA B 92 33.84 31.03 -5.63
C ALA B 92 32.51 30.67 -6.31
N GLU B 93 32.58 30.11 -7.51
CA GLU B 93 31.35 29.67 -8.19
C GLU B 93 30.62 28.57 -7.36
N HIS B 94 31.38 27.59 -6.90
CA HIS B 94 30.81 26.55 -6.03
C HIS B 94 30.18 27.11 -4.77
N LYS B 95 30.91 27.97 -4.07
CA LYS B 95 30.39 28.56 -2.86
C LYS B 95 29.05 29.26 -3.14
N ALA B 96 29.00 30.04 -4.23
CA ALA B 96 27.82 30.81 -4.53
C ALA B 96 26.58 29.92 -4.76
N PHE B 97 26.74 28.81 -5.47
CA PHE B 97 25.61 27.89 -5.67
C PHE B 97 25.34 26.98 -4.51
N ARG B 98 26.38 26.59 -3.77
CA ARG B 98 26.20 25.67 -2.63
C ARG B 98 25.35 26.31 -1.53
N THR B 99 25.53 27.62 -1.36
CA THR B 99 24.81 28.32 -0.32
C THR B 99 23.29 28.21 -0.34
N PRO B 100 22.62 28.55 -1.47
CA PRO B 100 21.17 28.39 -1.51
C PRO B 100 20.75 26.92 -1.45
N VAL B 101 21.55 26.03 -2.02
CA VAL B 101 21.21 24.60 -1.95
C VAL B 101 21.19 24.11 -0.48
N MET B 102 22.24 24.45 0.31
CA MET B 102 22.30 24.11 1.74
C MET B 102 21.15 24.72 2.52
N LYS B 103 20.78 25.95 2.18
CA LYS B 103 19.64 26.56 2.85
C LYS B 103 18.38 25.71 2.64
N GLY B 104 18.21 25.15 1.44
CA GLY B 104 17.06 24.30 1.12
C GLY B 104 17.01 23.02 1.96
N LEU B 105 18.20 22.51 2.33
CA LEU B 105 18.31 21.24 3.07
C LEU B 105 18.64 21.41 4.56
N ALA B 106 18.52 22.62 5.06
CA ALA B 106 18.72 22.94 6.48
C ALA B 106 17.95 22.04 7.47
N SER B 107 18.47 21.91 8.69
CA SER B 107 17.94 21.06 9.77
C SER B 107 16.42 21.10 9.97
N ARG B 108 15.85 22.29 10.00
CA ARG B 108 14.41 22.42 10.25
C ARG B 108 13.58 21.90 9.10
N PHE B 109 14.12 21.87 7.90
CA PHE B 109 13.39 21.27 6.81
C PHE B 109 13.46 19.74 6.88
N VAL B 110 14.62 19.23 7.24
CA VAL B 110 14.76 17.79 7.49
C VAL B 110 13.84 17.31 8.61
N VAL B 111 13.80 18.04 9.72
CA VAL B 111 12.89 17.70 10.82
C VAL B 111 11.44 17.68 10.35
N ALA B 112 11.05 18.69 9.56
CA ALA B 112 9.69 18.79 9.01
C ALA B 112 9.34 17.64 8.07
N LEU B 113 10.34 17.14 7.34
CA LEU B 113 10.10 16.06 6.38
C LEU B 113 9.93 14.69 7.02
N GLU B 114 10.44 14.54 8.22
CA GLU B 114 10.61 13.23 8.84
C GLU B 114 9.33 12.39 8.87
N PRO B 115 8.19 12.98 9.31
CA PRO B 115 6.96 12.17 9.33
C PRO B 115 6.48 11.79 7.94
N LYS B 116 6.71 12.65 6.95
CA LYS B 116 6.31 12.31 5.58
C LYS B 116 7.20 11.21 5.00
N VAL B 117 8.50 11.29 5.27
CA VAL B 117 9.43 10.27 4.79
C VAL B 117 9.15 8.94 5.46
N GLN B 118 8.90 8.99 6.78
CA GLN B 118 8.62 7.77 7.52
C GLN B 118 7.41 7.08 6.94
N ALA B 119 6.39 7.87 6.60
CA ALA B 119 5.18 7.35 5.93
C ALA B 119 5.42 6.69 4.57
N VAL B 120 6.34 7.28 3.78
CA VAL B 120 6.76 6.64 2.53
C VAL B 120 7.38 5.26 2.80
N ALA B 121 8.33 5.21 3.73
CA ALA B 121 9.00 3.97 4.09
C ALA B 121 7.99 2.92 4.53
N ARG B 122 7.08 3.31 5.42
CA ARG B 122 6.05 2.41 5.96
C ARG B 122 5.14 1.82 4.87
N LYS B 123 4.70 2.65 3.94
CA LYS B 123 3.85 2.17 2.86
C LYS B 123 4.53 1.11 1.99
N LEU B 124 5.80 1.34 1.67
CA LEU B 124 6.53 0.39 0.88
C LEU B 124 6.77 -0.92 1.65
N MET B 125 7.12 -0.80 2.92
CA MET B 125 7.32 -1.98 3.76
C MET B 125 6.01 -2.78 3.84
N GLU B 126 4.91 -2.11 4.12
CA GLU B 126 3.62 -2.81 4.24
C GLU B 126 3.21 -3.54 2.94
N SER B 127 3.63 -3.02 1.78
CA SER B 127 3.33 -3.66 0.49
C SER B 127 4.12 -4.96 0.30
N LEU B 128 5.28 -5.06 0.96
CA LEU B 128 6.13 -6.25 0.84
C LEU B 128 5.85 -7.32 1.86
N ARG B 129 5.53 -6.90 3.08
CA ARG B 129 5.42 -7.79 4.26
C ARG B 129 4.61 -9.13 4.10
N PRO B 130 3.41 -9.07 3.50
CA PRO B 130 2.60 -10.31 3.40
C PRO B 130 3.22 -11.37 2.52
N ARG B 131 4.18 -10.99 1.68
CA ARG B 131 4.85 -11.92 0.78
C ARG B 131 5.74 -12.99 1.43
N GLY B 132 6.38 -12.67 2.54
CA GLY B 132 7.34 -13.60 3.13
C GLY B 132 8.73 -13.61 2.50
N SER B 133 8.93 -12.80 1.46
CA SER B 133 10.24 -12.70 0.78
C SER B 133 10.23 -11.53 -0.19
N CYS B 134 11.43 -11.07 -0.55
CA CYS B 134 11.61 -10.05 -1.56
C CYS B 134 13.05 -10.06 -2.06
N ASP B 135 13.23 -9.50 -3.24
CA ASP B 135 14.52 -9.10 -3.75
C ASP B 135 14.64 -7.68 -3.22
N PHE B 136 15.29 -7.50 -2.07
CA PHE B 136 15.26 -6.20 -1.40
C PHE B 136 15.76 -5.05 -2.32
N VAL B 137 16.78 -5.34 -3.14
CA VAL B 137 17.32 -4.32 -4.04
C VAL B 137 16.30 -3.78 -5.03
N SER B 138 15.67 -4.67 -5.79
CA SER B 138 14.70 -4.21 -6.76
C SER B 138 13.34 -3.88 -6.13
N ASP B 139 12.98 -4.53 -5.02
CA ASP B 139 11.66 -4.32 -4.42
C ASP B 139 11.55 -3.19 -3.41
N PHE B 140 12.68 -2.73 -2.85
CA PHE B 140 12.61 -1.69 -1.83
C PHE B 140 13.68 -0.63 -2.08
N ALA B 141 14.93 -1.04 -2.10
CA ALA B 141 16.04 -0.06 -2.11
C ALA B 141 16.07 0.86 -3.32
N GLU B 142 15.83 0.33 -4.51
CA GLU B 142 15.75 1.15 -5.72
C GLU B 142 14.42 1.87 -5.87
N ILE B 143 13.44 1.59 -5.03
CA ILE B 143 12.12 2.26 -5.09
C ILE B 143 11.97 3.41 -4.12
N LEU B 144 12.41 3.19 -2.88
CA LEU B 144 12.30 4.19 -1.81
C LEU B 144 12.81 5.58 -2.21
N PRO B 145 14.03 5.66 -2.77
CA PRO B 145 14.61 6.99 -2.95
C PRO B 145 13.83 7.86 -3.90
N LEU B 146 13.24 7.26 -4.93
CA LEU B 146 12.41 8.02 -5.87
C LEU B 146 11.11 8.44 -5.21
N ASN B 147 10.48 7.52 -4.48
CA ASN B 147 9.31 7.90 -3.65
C ASN B 147 9.60 9.06 -2.69
N ILE B 148 10.79 9.07 -2.10
CA ILE B 148 11.15 10.17 -1.21
C ILE B 148 11.35 11.46 -2.01
N PHE B 149 12.01 11.34 -3.14
CA PHE B 149 12.23 12.51 -3.99
C PHE B 149 10.90 13.22 -4.36
N LEU B 150 9.88 12.44 -4.75
CA LEU B 150 8.55 12.99 -5.04
C LEU B 150 7.93 13.74 -3.82
N THR B 151 8.26 13.27 -2.62
CA THR B 151 7.89 13.90 -1.39
C THR B 151 8.65 15.20 -1.14
N LEU B 152 9.97 15.22 -1.41
CA LEU B 152 10.82 16.38 -1.19
C LEU B 152 10.33 17.58 -2.00
N ILE B 153 9.92 17.32 -3.24
CA ILE B 153 9.48 18.38 -4.10
C ILE B 153 7.95 18.55 -4.07
N ASP B 154 7.27 17.75 -3.23
CA ASP B 154 5.83 17.91 -2.89
C ASP B 154 4.92 17.80 -4.10
N VAL B 155 5.05 16.73 -4.88
CA VAL B 155 4.16 16.53 -6.05
C VAL B 155 2.74 16.16 -5.55
N PRO B 156 1.69 16.52 -6.32
CA PRO B 156 0.34 16.16 -5.87
C PRO B 156 0.21 14.63 -5.67
N LEU B 157 -0.42 14.25 -4.55
CA LEU B 157 -0.65 12.84 -4.19
C LEU B 157 -1.15 12.02 -5.37
N GLU B 158 -2.12 12.55 -6.10
CA GLU B 158 -2.76 11.84 -7.21
C GLU B 158 -1.82 11.56 -8.37
N ASP B 159 -0.75 12.35 -8.48
CA ASP B 159 0.20 12.28 -9.59
C ASP B 159 1.30 11.22 -9.39
N ARG B 160 1.48 10.77 -8.16
CA ARG B 160 2.61 9.91 -7.80
C ARG B 160 2.73 8.58 -8.57
N PRO B 161 1.62 7.82 -8.74
CA PRO B 161 1.72 6.56 -9.51
C PRO B 161 2.37 6.74 -10.90
N ARG B 162 1.92 7.74 -11.65
CA ARG B 162 2.40 8.05 -13.00
C ARG B 162 3.90 8.42 -12.96
N LEU B 163 4.23 9.36 -12.08
CA LEU B 163 5.59 9.90 -11.99
C LEU B 163 6.61 8.83 -11.51
N ARG B 164 6.14 7.90 -10.69
CA ARG B 164 6.95 6.80 -10.22
C ARG B 164 7.38 5.86 -11.37
N GLN B 165 6.46 5.56 -12.29
CA GLN B 165 6.79 4.70 -13.44
C GLN B 165 7.73 5.38 -14.44
N LEU B 166 7.43 6.64 -14.78
CA LEU B 166 8.31 7.45 -15.63
C LEU B 166 9.71 7.59 -15.03
N GLY B 167 9.79 7.70 -13.72
CA GLY B 167 11.07 7.81 -13.02
C GLY B 167 11.88 6.53 -12.92
N VAL B 168 11.22 5.38 -13.09
CA VAL B 168 11.87 4.07 -12.87
C VAL B 168 13.12 3.90 -13.73
N GLN B 169 13.07 4.46 -14.93
CA GLN B 169 14.22 4.42 -15.83
C GLN B 169 15.43 5.23 -15.33
N LEU B 170 15.22 6.15 -14.39
CA LEU B 170 16.30 6.94 -13.79
C LEU B 170 16.95 6.25 -12.57
N THR B 171 16.25 5.27 -12.01
CA THR B 171 16.71 4.56 -10.82
C THR B 171 17.28 3.18 -11.17
N ARG B 172 17.09 2.75 -12.42
CA ARG B 172 17.45 1.39 -12.82
C ARG B 172 18.60 1.36 -13.81
N SER B 176 22.74 0.11 -21.40
CA SER B 176 22.18 0.44 -22.72
C SER B 176 22.10 1.95 -22.95
N MET B 177 21.37 2.65 -22.09
CA MET B 177 21.21 4.11 -22.18
C MET B 177 22.55 4.80 -21.98
N THR B 178 22.96 5.65 -22.93
CA THR B 178 24.19 6.44 -22.82
C THR B 178 24.02 7.55 -21.75
N VAL B 179 25.14 8.16 -21.33
CA VAL B 179 25.10 9.31 -20.42
C VAL B 179 24.28 10.49 -20.97
N GLU B 180 24.41 10.77 -22.26
CA GLU B 180 23.65 11.87 -22.88
C GLU B 180 22.14 11.54 -22.89
N GLN B 181 21.81 10.28 -23.15
CA GLN B 181 20.41 9.86 -23.07
C GLN B 181 19.86 10.01 -21.68
N LEU B 182 20.69 9.65 -20.70
CA LEU B 182 20.27 9.64 -19.32
C LEU B 182 20.02 11.06 -18.84
N LYS B 183 20.92 11.97 -19.21
CA LYS B 183 20.76 13.42 -18.94
C LYS B 183 19.47 13.97 -19.54
N GLN B 184 19.22 13.65 -20.82
CA GLN B 184 18.05 14.16 -21.47
C GLN B 184 16.82 13.56 -20.79
N ALA B 185 16.85 12.27 -20.47
CA ALA B 185 15.71 11.65 -19.76
C ALA B 185 15.43 12.29 -18.41
N ALA B 186 16.49 12.52 -17.63
CA ALA B 186 16.36 13.27 -16.39
C ALA B 186 15.79 14.70 -16.59
N ASP B 187 16.33 15.44 -17.55
CA ASP B 187 15.87 16.81 -17.79
C ASP B 187 14.40 16.80 -18.18
N ASP B 188 13.99 15.83 -19.01
CA ASP B 188 12.58 15.76 -19.46
C ASP B 188 11.63 15.42 -18.31
N TYR B 189 12.08 14.52 -17.43
CA TYR B 189 11.34 14.15 -16.22
C TYR B 189 11.19 15.32 -15.26
N LEU B 190 12.27 16.07 -15.06
CA LEU B 190 12.28 17.16 -14.08
C LEU B 190 11.65 18.45 -14.60
N TRP B 191 11.68 18.66 -15.92
CA TRP B 191 11.27 19.97 -16.43
C TRP B 191 9.87 20.43 -15.95
N PRO B 192 8.86 19.54 -16.03
CA PRO B 192 7.57 20.05 -15.63
C PRO B 192 7.56 20.55 -14.19
N PHE B 193 8.35 19.91 -13.31
CA PHE B 193 8.45 20.34 -11.88
C PHE B 193 9.11 21.69 -11.66
N ILE B 194 10.28 21.86 -12.27
CA ILE B 194 11.01 23.12 -12.29
C ILE B 194 10.13 24.27 -12.87
N GLU B 195 9.50 24.01 -14.01
CA GLU B 195 8.67 25.05 -14.68
C GLU B 195 7.63 25.59 -13.69
N LYS B 196 6.92 24.68 -13.03
CA LYS B 196 5.84 25.01 -12.12
C LYS B 196 6.35 25.75 -10.89
N ARG B 197 7.50 25.35 -10.36
CA ARG B 197 7.97 25.90 -9.08
C ARG B 197 8.73 27.22 -9.20
N MET B 198 9.30 27.47 -10.38
CA MET B 198 9.88 28.78 -10.69
C MET B 198 8.77 29.79 -11.00
N ALA B 199 7.72 29.35 -11.69
CA ALA B 199 6.57 30.21 -12.00
C ALA B 199 5.77 30.56 -10.75
N GLN B 200 5.55 29.54 -9.90
CA GLN B 200 4.77 29.69 -8.66
C GLN B 200 5.37 28.90 -7.51
N PRO B 201 6.28 29.51 -6.75
CA PRO B 201 7.00 28.84 -5.66
C PRO B 201 6.07 28.28 -4.59
N GLY B 202 6.33 27.04 -4.17
CA GLY B 202 5.64 26.43 -3.04
C GLY B 202 6.60 26.39 -1.86
N ASP B 203 6.36 25.52 -0.88
CA ASP B 203 7.33 25.38 0.22
C ASP B 203 8.20 24.11 0.17
N ASP B 204 8.28 23.51 -1.01
CA ASP B 204 9.03 22.28 -1.20
C ASP B 204 10.51 22.59 -1.46
N LEU B 205 11.32 21.54 -1.58
CA LEU B 205 12.78 21.67 -1.74
C LEU B 205 13.18 22.48 -2.95
N PHE B 206 12.59 22.17 -4.10
CA PHE B 206 12.94 22.88 -5.32
C PHE B 206 12.59 24.37 -5.19
N SER B 207 11.37 24.66 -4.69
CA SER B 207 10.93 26.05 -4.57
C SER B 207 11.84 26.84 -3.63
N ARG B 208 12.23 26.21 -2.54
CA ARG B 208 12.99 26.84 -1.51
C ARG B 208 14.39 27.24 -2.02
N ILE B 209 15.07 26.33 -2.74
CA ILE B 209 16.38 26.66 -3.32
C ILE B 209 16.26 27.69 -4.46
N LEU B 210 15.30 27.49 -5.36
CA LEU B 210 15.19 28.31 -6.57
C LEU B 210 14.70 29.74 -6.29
N SER B 211 14.09 29.96 -5.12
CA SER B 211 13.63 31.31 -4.77
C SER B 211 14.74 32.10 -4.07
N GLU B 212 15.87 31.43 -3.80
CA GLU B 212 17.02 32.11 -3.20
C GLU B 212 17.93 32.66 -4.28
N PRO B 213 18.61 33.78 -4.02
CA PRO B 213 19.56 34.25 -5.01
C PRO B 213 20.82 33.39 -5.08
N VAL B 214 21.51 33.48 -6.21
CA VAL B 214 22.86 32.98 -6.30
C VAL B 214 23.75 34.18 -6.50
N GLY B 215 24.68 34.41 -5.57
CA GLY B 215 25.57 35.56 -5.68
C GLY B 215 24.81 36.84 -5.97
N GLY B 216 23.73 37.06 -5.24
CA GLY B 216 22.88 38.25 -5.39
C GLY B 216 22.01 38.40 -6.61
N ARG B 217 21.90 37.35 -7.43
CA ARG B 217 21.07 37.46 -8.63
C ARG B 217 20.20 36.19 -8.82
N PRO B 218 19.22 36.22 -9.73
CA PRO B 218 18.37 35.04 -9.85
C PRO B 218 19.05 33.87 -10.52
N TRP B 219 18.59 32.66 -10.16
CA TRP B 219 18.97 31.44 -10.87
C TRP B 219 18.57 31.57 -12.35
N THR B 220 19.46 31.17 -13.24
CA THR B 220 19.10 31.00 -14.64
C THR B 220 18.33 29.70 -14.80
N VAL B 221 17.56 29.60 -15.88
CA VAL B 221 16.91 28.34 -16.16
C VAL B 221 17.93 27.20 -16.33
N ASP B 222 19.05 27.43 -17.00
CA ASP B 222 20.00 26.31 -17.15
C ASP B 222 20.69 25.88 -15.85
N GLU B 223 20.93 26.84 -14.96
CA GLU B 223 21.50 26.52 -13.65
C GLU B 223 20.49 25.72 -12.84
N ALA B 224 19.21 26.08 -12.96
CA ALA B 224 18.17 25.26 -12.34
C ALA B 224 18.11 23.85 -12.94
N ARG B 225 18.24 23.69 -14.26
CA ARG B 225 18.25 22.30 -14.81
C ARG B 225 19.38 21.50 -14.15
N ARG B 226 20.57 22.11 -14.09
CA ARG B 226 21.77 21.42 -13.61
C ARG B 226 21.71 21.14 -12.11
N MET B 227 21.19 22.07 -11.34
CA MET B 227 21.05 21.84 -9.87
C MET B 227 20.00 20.75 -9.59
N CYS B 228 18.85 20.84 -10.27
CA CYS B 228 17.76 19.90 -10.02
C CYS B 228 18.17 18.48 -10.42
N ARG B 229 18.93 18.35 -11.52
CA ARG B 229 19.55 17.09 -11.95
C ARG B 229 20.46 16.52 -10.84
N ASN B 230 21.27 17.41 -10.24
CA ASN B 230 22.18 17.00 -9.14
C ASN B 230 21.43 16.56 -7.90
N LEU B 231 20.34 17.26 -7.57
CA LEU B 231 19.48 16.88 -6.45
C LEU B 231 18.85 15.49 -6.65
N LEU B 232 18.37 15.28 -7.86
CA LEU B 232 17.73 14.01 -8.23
C LEU B 232 18.72 12.86 -8.16
N PHE B 233 19.79 12.91 -8.95
CA PHE B 233 20.71 11.79 -8.99
C PHE B 233 21.51 11.64 -7.68
N GLY B 234 21.73 12.75 -6.98
CA GLY B 234 22.51 12.76 -5.73
C GLY B 234 21.92 11.92 -4.60
N GLY B 235 20.60 11.82 -4.55
CA GLY B 235 19.96 11.03 -3.54
C GLY B 235 19.33 9.72 -4.00
N LEU B 236 19.56 9.31 -5.26
CA LEU B 236 18.96 8.04 -5.78
C LEU B 236 19.85 6.82 -5.55
N ASP B 237 21.00 6.76 -6.23
CA ASP B 237 21.84 5.55 -6.13
C ASP B 237 22.51 5.47 -4.75
N THR B 238 22.85 6.61 -4.15
CA THR B 238 23.57 6.63 -2.86
C THR B 238 22.64 6.09 -1.76
N VAL B 239 21.40 6.60 -1.74
CA VAL B 239 20.43 6.16 -0.72
C VAL B 239 20.06 4.70 -0.93
N ALA B 240 19.81 4.32 -2.18
CA ALA B 240 19.59 2.87 -2.53
C ALA B 240 20.71 1.98 -1.99
N ALA B 241 21.96 2.39 -2.20
CA ALA B 241 23.07 1.59 -1.74
C ALA B 241 23.14 1.46 -0.21
N MET B 242 23.00 2.56 0.52
CA MET B 242 23.12 2.58 1.97
C MET B 242 22.00 1.74 2.60
N ILE B 243 20.79 1.91 2.09
CA ILE B 243 19.63 1.21 2.64
C ILE B 243 19.80 -0.31 2.39
N GLY B 244 20.34 -0.69 1.24
CA GLY B 244 20.66 -2.09 1.00
C GLY B 244 21.72 -2.65 1.94
N MET B 245 22.78 -1.88 2.19
CA MET B 245 23.80 -2.32 3.13
C MET B 245 23.25 -2.46 4.53
N VAL B 246 22.39 -1.53 4.92
CA VAL B 246 21.75 -1.58 6.25
C VAL B 246 20.90 -2.84 6.34
N ALA B 247 20.08 -3.10 5.33
CA ALA B 247 19.29 -4.36 5.32
C ALA B 247 20.17 -5.61 5.36
N LEU B 248 21.23 -5.61 4.56
CA LEU B 248 22.16 -6.77 4.54
C LEU B 248 22.79 -7.03 5.92
N HIS B 249 23.24 -5.95 6.55
CA HIS B 249 23.81 -6.05 7.88
C HIS B 249 22.80 -6.68 8.84
N LEU B 250 21.57 -6.18 8.83
CA LEU B 250 20.59 -6.74 9.75
C LEU B 250 20.25 -8.23 9.47
N ALA B 251 20.20 -8.59 8.20
CA ALA B 251 19.91 -9.97 7.82
C ALA B 251 21.04 -10.90 8.26
N ARG B 252 22.28 -10.39 8.22
CA ARG B 252 23.46 -11.16 8.59
C ARG B 252 23.64 -11.17 10.10
N HIS B 253 23.04 -10.19 10.79
CA HIS B 253 23.21 -10.04 12.24
C HIS B 253 21.87 -10.02 12.95
N PRO B 254 21.23 -11.19 13.06
CA PRO B 254 19.91 -11.22 13.70
C PRO B 254 19.96 -10.76 15.17
N GLU B 255 21.14 -10.83 15.79
CA GLU B 255 21.32 -10.36 17.14
C GLU B 255 21.21 -8.82 17.18
N ASP B 256 21.61 -8.10 16.10
CA ASP B 256 21.30 -6.66 16.01
C ASP B 256 19.83 -6.33 15.71
N GLN B 257 19.13 -7.14 14.92
CA GLN B 257 17.67 -6.99 14.83
C GLN B 257 16.99 -7.01 16.19
N ARG B 258 17.31 -8.00 17.00
CA ARG B 258 16.71 -8.12 18.34
C ARG B 258 17.06 -6.94 19.24
N LEU B 259 18.33 -6.55 19.21
CA LEU B 259 18.76 -5.39 19.98
C LEU B 259 17.89 -4.18 19.64
N LEU B 260 17.71 -3.89 18.34
CA LEU B 260 17.06 -2.64 17.97
C LEU B 260 15.55 -2.73 18.07
N ARG B 261 15.03 -3.94 18.16
CA ARG B 261 13.60 -4.14 18.48
C ARG B 261 13.33 -3.98 19.97
N GLU B 262 14.26 -4.47 20.79
CA GLU B 262 14.24 -4.32 22.26
C GLU B 262 14.44 -2.86 22.67
N ARG B 263 15.43 -2.24 22.02
CA ARG B 263 15.89 -0.91 22.37
C ARG B 263 15.80 -0.01 21.13
N PRO B 264 14.58 0.37 20.72
CA PRO B 264 14.49 1.25 19.56
C PRO B 264 15.14 2.62 19.74
N ASP B 265 15.33 3.06 20.99
CA ASP B 265 16.15 4.27 21.27
C ASP B 265 17.62 4.13 20.88
N LEU B 266 18.05 2.92 20.51
CA LEU B 266 19.39 2.74 19.96
C LEU B 266 19.41 2.96 18.44
N ILE B 267 18.26 3.20 17.83
CA ILE B 267 18.24 3.29 16.37
C ILE B 267 19.07 4.46 15.79
N PRO B 268 18.97 5.68 16.38
CA PRO B 268 19.81 6.75 15.86
C PRO B 268 21.29 6.46 15.97
N ALA B 269 21.77 5.89 17.09
CA ALA B 269 23.20 5.58 17.20
C ALA B 269 23.58 4.46 16.21
N ALA B 270 22.71 3.47 16.05
CA ALA B 270 22.99 2.41 15.08
C ALA B 270 23.03 2.95 13.64
N ALA B 271 22.13 3.87 13.27
CA ALA B 271 22.17 4.51 11.96
C ALA B 271 23.53 5.15 11.72
N ASP B 272 24.02 5.94 12.68
CA ASP B 272 25.34 6.54 12.55
C ASP B 272 26.45 5.52 12.34
N GLU B 273 26.38 4.41 13.11
CA GLU B 273 27.44 3.40 13.06
C GLU B 273 27.40 2.68 11.74
N LEU B 274 26.20 2.34 11.27
CA LEU B 274 26.04 1.62 10.01
C LEU B 274 26.44 2.50 8.81
N MET B 275 26.20 3.80 8.87
CA MET B 275 26.60 4.73 7.76
C MET B 275 28.12 4.86 7.75
N ARG B 276 28.74 4.79 8.92
CA ARG B 276 30.22 4.80 9.01
C ARG B 276 30.82 3.49 8.48
N ARG B 277 30.16 2.39 8.84
CA ARG B 277 30.64 1.04 8.53
C ARG B 277 30.57 0.57 7.07
N TYR B 278 29.57 1.04 6.33
CA TYR B 278 29.30 0.54 4.95
C TYR B 278 29.33 1.67 3.90
N PRO B 279 30.41 2.47 3.85
CA PRO B 279 30.46 3.51 2.79
C PRO B 279 30.83 2.92 1.41
N THR B 280 30.12 3.36 0.37
CA THR B 280 30.41 2.80 -0.94
C THR B 280 30.59 3.85 -2.01
N VAL B 281 30.70 5.13 -1.63
CA VAL B 281 30.88 6.21 -2.62
C VAL B 281 32.38 6.50 -2.85
N ALA B 282 32.77 6.67 -4.12
CA ALA B 282 34.12 7.16 -4.45
C ALA B 282 33.96 8.28 -5.45
N VAL B 283 34.91 9.22 -5.45
CA VAL B 283 34.80 10.39 -6.32
C VAL B 283 36.08 10.57 -7.12
N SER B 284 35.98 11.30 -8.23
CA SER B 284 37.16 11.63 -9.06
C SER B 284 37.47 13.08 -8.93
N ARG B 285 38.75 13.42 -9.15
CA ARG B 285 39.19 14.79 -9.24
C ARG B 285 40.18 14.91 -10.40
N ASN B 286 40.28 16.09 -11.00
CA ASN B 286 41.39 16.36 -11.92
C ASN B 286 42.34 17.39 -11.31
N ALA B 287 43.64 17.11 -11.31
CA ALA B 287 44.60 18.06 -10.70
C ALA B 287 44.73 19.33 -11.55
N VAL B 288 44.54 20.51 -10.95
CA VAL B 288 44.77 21.78 -11.68
C VAL B 288 46.06 22.46 -11.26
N ALA B 289 46.74 21.82 -10.32
CA ALA B 289 48.04 22.23 -9.80
C ALA B 289 48.72 20.95 -9.35
N ASP B 290 50.06 20.95 -9.31
CA ASP B 290 50.79 19.79 -8.79
C ASP B 290 50.57 19.67 -7.29
N VAL B 291 50.43 18.44 -6.82
CA VAL B 291 50.12 18.18 -5.44
C VAL B 291 51.11 17.10 -4.92
N ASP B 292 51.90 17.46 -3.91
CA ASP B 292 52.74 16.46 -3.22
C ASP B 292 51.87 15.66 -2.28
N ALA B 293 51.99 14.34 -2.34
CA ALA B 293 51.22 13.45 -1.42
C ALA B 293 51.97 12.16 -1.25
N ASP B 294 52.12 11.74 0.00
CA ASP B 294 52.66 10.41 0.31
C ASP B 294 54.07 10.14 -0.23
N GLY B 295 54.85 11.19 -0.45
CA GLY B 295 56.21 11.02 -1.04
C GLY B 295 56.28 11.02 -2.56
N VAL B 296 55.17 11.32 -3.23
CA VAL B 296 55.16 11.44 -4.71
C VAL B 296 54.52 12.75 -5.09
N THR B 297 54.46 13.03 -6.39
CA THR B 297 53.80 14.23 -6.88
C THR B 297 52.76 13.86 -7.90
N ILE B 298 51.53 14.30 -7.65
CA ILE B 298 50.46 14.19 -8.63
C ILE B 298 50.61 15.43 -9.51
N ARG B 299 50.71 15.23 -10.83
CA ARG B 299 50.91 16.37 -11.75
C ARG B 299 49.61 17.00 -12.26
N LYS B 300 49.65 18.32 -12.47
CA LYS B 300 48.56 19.03 -13.19
C LYS B 300 48.06 18.22 -14.34
N GLY B 301 46.75 17.98 -14.42
CA GLY B 301 46.21 17.14 -15.51
C GLY B 301 45.90 15.69 -15.19
N ASP B 302 46.59 15.15 -14.19
CA ASP B 302 46.42 13.76 -13.75
C ASP B 302 44.99 13.67 -13.11
N LEU B 303 44.33 12.54 -13.26
CA LEU B 303 43.08 12.31 -12.54
C LEU B 303 43.39 11.50 -11.28
N VAL B 304 42.56 11.69 -10.24
CA VAL B 304 42.76 11.07 -8.94
C VAL B 304 41.40 10.50 -8.51
N TYR B 305 41.38 9.24 -8.08
CA TYR B 305 40.15 8.62 -7.60
C TYR B 305 40.25 8.38 -6.09
N LEU B 306 39.18 8.69 -5.35
CA LEU B 306 39.23 8.74 -3.91
C LEU B 306 38.07 7.89 -3.40
N PRO B 307 38.39 6.70 -2.85
CA PRO B 307 37.36 5.82 -2.30
C PRO B 307 37.14 6.08 -0.80
N SER B 308 35.90 6.43 -0.43
CA SER B 308 35.61 6.76 0.98
C SER B 308 35.88 5.54 1.88
N VAL B 309 35.68 4.35 1.32
CA VAL B 309 35.85 3.13 2.10
C VAL B 309 37.30 2.98 2.66
N LEU B 310 38.31 3.55 1.97
CA LEU B 310 39.70 3.46 2.40
C LEU B 310 40.11 4.47 3.46
N HIS B 311 39.18 5.36 3.84
CA HIS B 311 39.36 6.14 5.09
C HIS B 311 38.62 5.44 6.21
N ASN B 312 37.29 5.30 6.06
CA ASN B 312 36.49 4.74 7.14
C ASN B 312 36.96 3.37 7.60
N LEU B 313 37.32 2.51 6.65
CA LEU B 313 37.67 1.14 6.99
C LEU B 313 39.17 0.84 7.10
N ASP B 314 40.00 1.90 7.13
CA ASP B 314 41.45 1.75 7.29
C ASP B 314 41.71 1.69 8.80
N PRO B 315 42.24 0.54 9.30
CA PRO B 315 42.53 0.45 10.72
C PRO B 315 43.61 1.42 11.20
N ALA B 316 44.37 1.99 10.27
CA ALA B 316 45.26 3.10 10.61
C ALA B 316 44.57 4.44 10.86
N SER B 317 43.31 4.55 10.45
CA SER B 317 42.52 5.74 10.71
C SER B 317 41.49 5.58 11.82
N PHE B 318 40.97 4.37 12.00
CA PHE B 318 39.90 4.12 13.00
C PHE B 318 40.12 2.77 13.64
N GLU B 319 39.94 2.70 14.96
CA GLU B 319 40.16 1.43 15.69
C GLU B 319 39.09 0.38 15.33
N ALA B 320 39.53 -0.85 15.03
CA ALA B 320 38.62 -1.99 14.71
C ALA B 320 37.42 -1.52 13.86
N PRO B 321 37.70 -1.02 12.65
CA PRO B 321 36.64 -0.27 11.93
C PRO B 321 35.49 -1.11 11.40
N GLU B 322 35.70 -2.42 11.30
CA GLU B 322 34.63 -3.30 10.82
C GLU B 322 33.63 -3.70 11.93
N GLU B 323 33.87 -3.18 13.14
CA GLU B 323 33.04 -3.53 14.26
C GLU B 323 31.99 -2.46 14.37
N VAL B 324 30.73 -2.87 14.43
CA VAL B 324 29.63 -1.93 14.63
C VAL B 324 29.46 -1.82 16.14
N ARG B 325 29.83 -0.66 16.69
CA ARG B 325 29.93 -0.52 18.16
C ARG B 325 29.50 0.85 18.64
N PHE B 326 29.00 0.91 19.87
CA PHE B 326 28.33 2.09 20.38
C PHE B 326 29.19 2.98 21.27
N ASP B 327 30.47 2.69 21.37
CA ASP B 327 31.34 3.47 22.26
C ASP B 327 32.37 4.35 21.57
N ARG B 328 32.13 4.68 20.29
CA ARG B 328 33.11 5.49 19.55
C ARG B 328 32.93 6.95 19.84
N GLY B 329 34.00 7.68 19.61
CA GLY B 329 33.88 9.06 19.92
C GLY B 329 32.89 9.83 19.05
N LEU B 330 32.22 9.19 18.06
CA LEU B 330 32.36 9.74 16.69
C LEU B 330 31.26 10.55 15.98
N ALA B 331 31.46 11.88 15.89
CA ALA B 331 30.59 12.71 15.06
C ALA B 331 30.70 12.23 13.60
N PRO B 332 29.58 12.13 12.89
CA PRO B 332 29.61 11.66 11.49
C PRO B 332 30.57 12.43 10.54
N ILE B 333 30.75 13.73 10.75
CA ILE B 333 31.67 14.51 9.89
C ILE B 333 33.16 14.04 9.96
N ARG B 334 33.50 13.29 11.03
CA ARG B 334 34.84 12.80 11.19
C ARG B 334 35.18 11.66 10.25
N HIS B 335 34.17 10.97 9.70
CA HIS B 335 34.48 9.96 8.68
C HIS B 335 34.07 10.48 7.27
N THR B 336 34.19 9.63 6.24
CA THR B 336 34.15 10.15 4.88
C THR B 336 32.98 9.62 4.08
N THR B 337 31.99 9.01 4.73
CA THR B 337 30.86 8.44 3.95
C THR B 337 30.19 9.54 3.07
N MET B 338 30.10 10.75 3.62
CA MET B 338 29.46 11.91 2.97
C MET B 338 30.48 12.85 2.34
N GLY B 339 31.74 12.45 2.26
CA GLY B 339 32.76 13.32 1.71
C GLY B 339 33.48 14.13 2.76
N VAL B 340 34.24 15.13 2.30
CA VAL B 340 35.04 15.95 3.18
C VAL B 340 35.17 17.39 2.69
N GLY B 341 35.07 18.31 3.62
CA GLY B 341 35.38 19.70 3.24
C GLY B 341 34.29 20.38 2.45
N ALA B 342 34.69 21.16 1.44
CA ALA B 342 33.80 22.10 0.80
C ALA B 342 32.60 21.43 0.13
N HIS B 343 32.79 20.22 -0.43
CA HIS B 343 31.74 19.59 -1.23
C HIS B 343 30.98 18.53 -0.41
N ARG B 344 31.18 18.52 0.91
CA ARG B 344 30.57 17.47 1.74
C ARG B 344 29.03 17.45 1.49
N CYS B 345 28.48 16.26 1.27
CA CYS B 345 27.03 16.08 1.00
C CYS B 345 26.10 17.08 1.68
N VAL B 346 25.41 17.90 0.89
CA VAL B 346 24.36 18.80 1.42
C VAL B 346 23.21 17.99 1.99
N GLY B 347 23.09 16.75 1.53
CA GLY B 347 22.03 15.89 1.98
C GLY B 347 22.44 15.03 3.15
N ALA B 348 23.54 15.38 3.84
CA ALA B 348 24.02 14.52 4.95
C ALA B 348 22.92 14.33 6.01
N GLY B 349 22.36 15.44 6.45
CA GLY B 349 21.25 15.42 7.42
C GLY B 349 20.04 14.63 6.94
N LEU B 350 19.61 14.91 5.74
CA LEU B 350 18.48 14.18 5.17
C LEU B 350 18.76 12.64 5.07
N ALA B 351 19.98 12.27 4.66
CA ALA B 351 20.33 10.84 4.54
C ALA B 351 20.28 10.12 5.88
N ARG B 352 20.75 10.78 6.96
CA ARG B 352 20.73 10.19 8.31
C ARG B 352 19.26 9.93 8.68
N MET B 353 18.42 10.87 8.34
CA MET B 353 17.01 10.79 8.73
C MET B 353 16.36 9.63 7.95
N GLU B 354 16.72 9.51 6.67
CA GLU B 354 16.18 8.46 5.83
C GLU B 354 16.58 7.07 6.38
N VAL B 355 17.84 6.91 6.80
CA VAL B 355 18.28 5.65 7.40
C VAL B 355 17.56 5.36 8.72
N ILE B 356 17.46 6.38 9.57
CA ILE B 356 16.72 6.24 10.81
C ILE B 356 15.25 5.85 10.56
N VAL B 357 14.56 6.56 9.67
CA VAL B 357 13.14 6.24 9.43
C VAL B 357 12.98 4.83 8.83
N PHE B 358 13.91 4.43 7.95
CA PHE B 358 13.90 3.06 7.44
C PHE B 358 14.04 2.02 8.56
N LEU B 359 15.02 2.21 9.43
CA LEU B 359 15.20 1.30 10.56
C LEU B 359 13.96 1.24 11.41
N ARG B 360 13.40 2.40 11.77
CA ARG B 360 12.16 2.41 12.58
C ARG B 360 11.07 1.57 11.96
N GLU B 361 10.85 1.73 10.67
CA GLU B 361 9.69 1.11 10.02
C GLU B 361 9.94 -0.35 9.69
N TRP B 362 11.11 -0.64 9.13
CA TRP B 362 11.47 -1.99 8.80
C TRP B 362 11.55 -2.86 10.09
N LEU B 363 12.25 -2.38 11.12
CA LEU B 363 12.33 -3.20 12.35
C LEU B 363 11.00 -3.22 13.07
N GLY B 364 10.31 -2.10 13.12
CA GLY B 364 9.04 -2.01 13.86
C GLY B 364 7.90 -2.79 13.24
N GLY B 365 7.92 -2.90 11.91
CA GLY B 365 6.83 -3.49 11.17
C GLY B 365 7.08 -4.89 10.64
N MET B 366 8.35 -5.29 10.51
CA MET B 366 8.69 -6.59 9.94
C MET B 366 8.98 -7.58 11.05
N PRO B 367 8.72 -8.87 10.81
CA PRO B 367 9.16 -9.89 11.74
C PRO B 367 10.66 -10.09 11.56
N GLU B 368 11.26 -10.96 12.34
CA GLU B 368 12.65 -11.35 12.08
C GLU B 368 12.85 -11.84 10.64
N PHE B 369 13.87 -11.33 9.95
CA PHE B 369 14.11 -11.70 8.55
C PHE B 369 15.54 -12.24 8.42
N ALA B 370 15.82 -12.95 7.33
CA ALA B 370 17.14 -13.57 7.15
C ALA B 370 17.43 -13.60 5.67
N LEU B 371 18.67 -13.96 5.30
CA LEU B 371 18.96 -14.18 3.91
C LEU B 371 18.25 -15.45 3.45
N ALA B 372 17.71 -15.40 2.24
CA ALA B 372 17.07 -16.57 1.61
C ALA B 372 18.04 -17.72 1.41
N PRO B 373 17.59 -18.95 1.68
CA PRO B 373 18.51 -20.08 1.44
C PRO B 373 18.68 -20.29 -0.08
N ASP B 374 19.87 -20.66 -0.52
CA ASP B 374 20.02 -21.07 -1.91
C ASP B 374 19.76 -19.91 -2.94
N LYS B 375 19.94 -18.65 -2.52
CA LYS B 375 20.01 -17.49 -3.42
C LYS B 375 21.23 -16.65 -3.03
N ALA B 376 21.92 -16.04 -3.99
CA ALA B 376 23.19 -15.37 -3.70
C ALA B 376 22.99 -13.90 -3.32
N VAL B 377 23.80 -13.36 -2.40
CA VAL B 377 23.94 -11.90 -2.25
C VAL B 377 25.06 -11.46 -3.20
N THR B 378 24.75 -10.52 -4.08
CA THR B 378 25.80 -10.03 -4.97
C THR B 378 25.93 -8.51 -4.91
N MET B 379 27.12 -8.02 -5.26
CA MET B 379 27.43 -6.58 -5.23
C MET B 379 28.08 -6.11 -6.55
N LYS B 380 28.21 -4.81 -6.70
CA LYS B 380 28.92 -4.25 -7.83
C LYS B 380 29.83 -3.12 -7.36
N GLY B 381 30.77 -2.75 -8.22
CA GLY B 381 31.69 -1.63 -7.95
C GLY B 381 31.21 -0.38 -8.65
N GLY B 382 32.16 0.35 -9.23
CA GLY B 382 31.86 1.67 -9.82
C GLY B 382 31.87 2.75 -8.73
N ASN B 383 31.39 3.93 -9.08
CA ASN B 383 31.47 5.08 -8.17
C ASN B 383 30.56 4.93 -6.97
N VAL B 384 29.41 4.30 -7.13
CA VAL B 384 28.57 4.03 -5.97
C VAL B 384 28.40 2.53 -5.87
N GLY B 385 29.17 1.88 -5.01
CA GLY B 385 29.06 0.41 -4.88
C GLY B 385 27.75 0.07 -4.24
N ALA B 386 27.25 -1.13 -4.47
CA ALA B 386 25.94 -1.47 -3.96
C ALA B 386 25.69 -2.94 -4.05
N CYS B 387 24.79 -3.45 -3.22
CA CYS B 387 24.23 -4.77 -3.55
C CYS B 387 23.43 -4.72 -4.85
N THR B 388 23.55 -5.78 -5.64
CA THR B 388 22.72 -5.92 -6.85
C THR B 388 21.64 -6.99 -6.66
N ALA B 389 21.81 -7.85 -5.65
CA ALA B 389 20.79 -8.82 -5.29
C ALA B 389 20.87 -9.01 -3.78
N LEU B 390 19.72 -8.90 -3.11
CA LEU B 390 19.69 -9.12 -1.66
C LEU B 390 18.39 -9.88 -1.34
N PRO B 391 18.41 -11.23 -1.40
CA PRO B 391 17.16 -11.99 -1.26
C PRO B 391 16.91 -12.22 0.21
N LEU B 392 15.77 -11.71 0.71
CA LEU B 392 15.39 -11.82 2.11
C LEU B 392 14.15 -12.69 2.25
N VAL B 393 14.06 -13.38 3.39
CA VAL B 393 12.86 -14.18 3.75
C VAL B 393 12.42 -13.90 5.18
N TRP B 394 11.12 -14.05 5.45
CA TRP B 394 10.60 -13.94 6.80
C TRP B 394 9.26 -14.67 6.86
N ARG B 395 8.78 -14.92 8.07
CA ARG B 395 7.45 -15.54 8.22
C ARG B 395 6.35 -14.50 8.02
N ALA B 396 5.57 -14.67 6.97
CA ALA B 396 4.50 -13.72 6.73
C ALA B 396 3.28 -14.03 7.61
N MET C 1 -43.29 11.28 37.43
CA MET C 1 -43.83 10.05 38.09
C MET C 1 -43.76 8.81 37.19
N ILE C 2 -44.13 7.65 37.77
CA ILE C 2 -44.24 6.38 37.03
C ILE C 2 -45.37 6.47 35.98
N PRO C 3 -45.04 6.26 34.69
CA PRO C 3 -46.04 6.33 33.63
C PRO C 3 -47.10 5.22 33.73
N ALA C 4 -48.30 5.49 33.19
CA ALA C 4 -49.45 4.58 33.30
C ALA C 4 -49.23 3.15 32.78
N HIS C 5 -48.48 3.02 31.67
CA HIS C 5 -48.23 1.72 31.04
C HIS C 5 -47.27 0.79 31.78
N VAL C 6 -46.53 1.33 32.74
CA VAL C 6 -45.58 0.56 33.52
C VAL C 6 -46.31 -0.18 34.66
N PRO C 7 -46.30 -1.53 34.66
CA PRO C 7 -46.90 -2.19 35.83
C PRO C 7 -46.20 -1.83 37.12
N ALA C 8 -46.98 -1.71 38.19
CA ALA C 8 -46.45 -1.37 39.52
C ALA C 8 -45.39 -2.38 39.98
N ASP C 9 -45.62 -3.67 39.73
CA ASP C 9 -44.70 -4.73 40.16
C ASP C 9 -43.37 -4.78 39.37
N ARG C 10 -43.23 -3.94 38.34
CA ARG C 10 -41.96 -3.87 37.58
C ARG C 10 -41.02 -2.74 38.06
N VAL C 11 -41.46 -1.96 39.05
CA VAL C 11 -40.74 -0.75 39.49
C VAL C 11 -39.55 -1.07 40.39
N VAL C 12 -38.40 -0.49 40.06
CA VAL C 12 -37.25 -0.58 40.92
C VAL C 12 -36.64 0.80 41.20
N ASP C 13 -35.66 0.76 42.09
CA ASP C 13 -34.92 1.91 42.57
C ASP C 13 -33.56 2.02 41.84
N PHE C 14 -33.21 0.97 41.09
CA PHE C 14 -31.85 0.71 40.61
C PHE C 14 -31.23 1.93 39.91
N ASP C 15 -30.09 2.38 40.41
CA ASP C 15 -29.35 3.51 39.82
C ASP C 15 -28.16 2.97 39.01
N ILE C 16 -28.24 3.12 37.70
CA ILE C 16 -27.26 2.51 36.80
C ILE C 16 -25.88 3.15 36.94
N PHE C 17 -25.87 4.37 37.45
CA PHE C 17 -24.61 5.08 37.72
C PHE C 17 -23.96 4.65 39.00
N ASN C 18 -24.76 4.19 39.97
CA ASN C 18 -24.18 3.39 41.06
C ASN C 18 -25.03 2.27 41.66
N PRO C 19 -24.91 1.07 41.06
CA PRO C 19 -25.64 -0.13 41.46
C PRO C 19 -25.28 -0.48 42.91
N PRO C 20 -26.24 -1.06 43.67
CA PRO C 20 -25.92 -1.36 45.09
C PRO C 20 -24.79 -2.37 45.19
N GLY C 21 -23.77 -2.09 46.00
CA GLY C 21 -22.61 -2.97 46.13
C GLY C 21 -21.59 -2.88 45.01
N VAL C 22 -21.78 -1.93 44.08
CA VAL C 22 -20.88 -1.86 42.89
C VAL C 22 -19.41 -1.71 43.28
N GLU C 23 -19.14 -0.93 44.33
CA GLU C 23 -17.79 -0.66 44.81
C GLU C 23 -16.95 -1.94 45.03
N GLN C 24 -17.57 -2.99 45.57
CA GLN C 24 -16.89 -4.29 45.83
C GLN C 24 -16.86 -5.22 44.64
N ASP C 25 -17.97 -5.27 43.89
CA ASP C 25 -18.13 -6.21 42.79
C ASP C 25 -19.18 -5.68 41.81
N TYR C 26 -18.73 -5.19 40.65
CA TYR C 26 -19.63 -4.73 39.59
C TYR C 26 -20.57 -5.86 39.12
N PHE C 27 -20.03 -7.06 38.97
CA PHE C 27 -20.80 -8.17 38.42
C PHE C 27 -21.94 -8.62 39.35
N ALA C 28 -21.62 -8.89 40.62
CA ALA C 28 -22.67 -9.19 41.62
C ALA C 28 -23.72 -8.11 41.68
N ALA C 29 -23.29 -6.85 41.67
CA ALA C 29 -24.23 -5.73 41.76
C ALA C 29 -25.29 -5.79 40.67
N TRP C 30 -24.87 -6.07 39.44
CA TRP C 30 -25.82 -6.17 38.33
C TRP C 30 -26.65 -7.44 38.40
N LYS C 31 -26.01 -8.52 38.80
CA LYS C 31 -26.69 -9.82 38.87
C LYS C 31 -27.83 -9.88 39.90
N THR C 32 -27.91 -8.89 40.78
CA THR C 32 -29.07 -8.79 41.70
C THR C 32 -30.38 -8.67 40.92
N LEU C 33 -30.34 -8.07 39.72
CA LEU C 33 -31.55 -7.93 38.88
C LEU C 33 -32.04 -9.28 38.33
N LEU C 34 -31.20 -10.29 38.41
CA LEU C 34 -31.60 -11.64 38.02
C LEU C 34 -32.56 -12.28 39.04
N ASP C 35 -32.52 -11.86 40.30
CA ASP C 35 -33.59 -12.28 41.24
C ASP C 35 -34.98 -11.67 40.98
N GLY C 36 -35.13 -10.88 39.91
CA GLY C 36 -36.42 -10.21 39.67
C GLY C 36 -37.03 -10.37 38.29
N PRO C 37 -38.01 -9.51 37.95
CA PRO C 37 -38.61 -9.52 36.61
C PRO C 37 -37.56 -9.31 35.49
N GLY C 38 -37.87 -9.78 34.29
CA GLY C 38 -36.89 -9.78 33.18
C GLY C 38 -36.79 -8.42 32.53
N LEU C 39 -37.75 -7.55 32.82
CA LEU C 39 -37.75 -6.18 32.32
C LEU C 39 -38.36 -5.29 33.42
N VAL C 40 -37.55 -4.35 33.93
CA VAL C 40 -37.96 -3.48 35.05
C VAL C 40 -37.87 -2.02 34.67
N TRP C 41 -38.58 -1.18 35.43
CA TRP C 41 -38.59 0.25 35.24
C TRP C 41 -37.94 0.91 36.45
N SER C 42 -36.83 1.60 36.24
CA SER C 42 -36.19 2.33 37.34
C SER C 42 -36.70 3.76 37.40
N THR C 43 -37.00 4.24 38.61
CA THR C 43 -37.38 5.62 38.80
C THR C 43 -36.16 6.54 38.77
N ALA C 44 -34.96 5.97 38.92
CA ALA C 44 -33.74 6.76 38.97
C ALA C 44 -33.43 7.37 37.60
N ASN C 45 -32.59 8.40 37.58
CA ASN C 45 -32.05 8.96 36.32
C ASN C 45 -33.14 9.29 35.30
N GLY C 46 -34.26 9.81 35.79
CA GLY C 46 -35.32 10.32 34.93
C GLY C 46 -36.40 9.33 34.51
N GLY C 47 -36.28 8.08 34.93
CA GLY C 47 -37.24 7.01 34.62
C GLY C 47 -36.90 6.34 33.30
N HIS C 48 -36.63 5.03 33.35
CA HIS C 48 -36.28 4.26 32.14
C HIS C 48 -36.37 2.74 32.40
N TRP C 49 -36.50 1.96 31.35
CA TRP C 49 -36.54 0.50 31.50
C TRP C 49 -35.11 0.01 31.65
N ILE C 50 -34.94 -1.14 32.31
CA ILE C 50 -33.66 -1.87 32.35
C ILE C 50 -33.96 -3.31 31.94
N ALA C 51 -33.29 -3.80 30.89
CA ALA C 51 -33.36 -5.23 30.57
C ALA C 51 -32.65 -6.01 31.64
N ALA C 52 -33.33 -7.02 32.19
CA ALA C 52 -32.86 -7.67 33.40
C ALA C 52 -32.75 -9.21 33.39
N ARG C 53 -32.69 -9.78 32.19
CA ARG C 53 -32.61 -11.24 31.99
C ARG C 53 -31.93 -11.40 30.63
N GLY C 54 -31.10 -12.43 30.48
CA GLY C 54 -30.33 -12.65 29.26
C GLY C 54 -31.11 -12.60 27.97
N ASP C 55 -32.29 -13.26 27.91
CA ASP C 55 -32.98 -13.23 26.64
C ASP C 55 -33.44 -11.83 26.27
N VAL C 56 -33.86 -11.05 27.24
CA VAL C 56 -34.40 -9.74 26.96
C VAL C 56 -33.28 -8.81 26.55
N VAL C 57 -32.14 -8.92 27.22
CA VAL C 57 -31.00 -8.05 26.87
C VAL C 57 -30.64 -8.30 25.41
N ARG C 58 -30.49 -9.58 25.08
CA ARG C 58 -30.02 -10.01 23.77
C ARG C 58 -31.00 -9.63 22.65
N GLU C 59 -32.31 -9.85 22.87
CA GLU C 59 -33.34 -9.51 21.87
C GLU C 59 -33.45 -8.02 21.64
N LEU C 60 -33.49 -7.21 22.71
CA LEU C 60 -33.63 -5.75 22.56
C LEU C 60 -32.40 -5.10 21.96
N TRP C 61 -31.23 -5.62 22.30
CA TRP C 61 -29.99 -5.07 21.80
C TRP C 61 -29.91 -5.23 20.26
N GLY C 62 -30.46 -6.34 19.78
CA GLY C 62 -30.45 -6.65 18.37
C GLY C 62 -31.50 -5.90 17.57
N ASP C 63 -32.50 -5.30 18.23
CA ASP C 63 -33.66 -4.69 17.56
C ASP C 63 -33.33 -3.24 17.24
N ALA C 64 -32.53 -3.03 16.19
CA ALA C 64 -31.99 -1.73 15.89
C ALA C 64 -33.02 -0.80 15.22
N GLU C 65 -34.09 -1.39 14.74
CA GLU C 65 -35.09 -0.64 13.98
C GLU C 65 -36.18 -0.02 14.87
N ARG C 66 -36.50 -0.65 15.98
CA ARG C 66 -37.50 -0.10 16.90
C ARG C 66 -36.90 0.59 18.14
N LEU C 67 -35.64 0.27 18.46
CA LEU C 67 -34.96 0.89 19.60
C LEU C 67 -33.75 1.61 19.01
N SER C 68 -33.83 2.93 18.85
CA SER C 68 -32.84 3.74 18.16
C SER C 68 -31.61 3.96 19.06
N SER C 69 -30.46 4.22 18.44
CA SER C 69 -29.22 4.48 19.16
C SER C 69 -28.97 5.97 19.25
N GLN C 70 -29.94 6.80 18.84
CA GLN C 70 -29.65 8.26 18.78
C GLN C 70 -29.36 8.93 20.12
N CYS C 71 -30.03 8.48 21.19
CA CYS C 71 -29.99 9.15 22.50
C CYS C 71 -28.65 9.07 23.20
N LEU C 72 -27.91 7.98 22.95
CA LEU C 72 -26.59 7.68 23.52
C LEU C 72 -26.61 7.28 24.98
N ALA C 73 -27.32 8.08 25.78
CA ALA C 73 -27.36 7.83 27.21
C ALA C 73 -28.67 8.30 27.83
N VAL C 74 -28.93 7.82 29.03
CA VAL C 74 -30.06 8.26 29.84
C VAL C 74 -29.89 9.73 30.29
N THR C 75 -28.63 10.19 30.37
CA THR C 75 -28.31 11.56 30.81
C THR C 75 -28.65 12.58 29.73
N PRO C 76 -29.60 13.50 30.03
CA PRO C 76 -30.10 14.42 28.99
C PRO C 76 -28.97 15.23 28.35
N GLY C 77 -29.03 15.38 27.03
CA GLY C 77 -28.12 16.28 26.35
C GLY C 77 -26.77 15.70 25.92
N LEU C 78 -26.39 14.56 26.51
CA LEU C 78 -25.06 14.01 26.21
C LEU C 78 -24.91 13.52 24.74
N GLY C 79 -25.94 12.87 24.21
CA GLY C 79 -25.94 12.46 22.79
C GLY C 79 -25.92 13.68 21.87
N LYS C 80 -26.58 14.76 22.27
CA LYS C 80 -26.65 15.94 21.37
C LYS C 80 -25.27 16.58 21.28
N VAL C 81 -24.51 16.55 22.37
CA VAL C 81 -23.18 17.13 22.33
C VAL C 81 -22.20 16.25 21.53
N MET C 82 -22.25 14.93 21.74
CA MET C 82 -21.24 14.03 21.17
C MET C 82 -21.45 13.67 19.71
N GLN C 83 -22.70 13.37 19.33
CA GLN C 83 -23.10 12.90 17.97
C GLN C 83 -22.10 11.97 17.33
N PHE C 84 -21.81 10.89 18.03
CA PHE C 84 -20.81 9.93 17.60
C PHE C 84 -21.22 9.25 16.29
N ILE C 85 -20.23 9.02 15.43
CA ILE C 85 -20.41 8.30 14.17
C ILE C 85 -19.45 7.12 14.23
N PRO C 86 -19.97 5.89 14.08
CA PRO C 86 -21.34 5.53 13.73
C PRO C 86 -22.23 5.15 14.92
N LEU C 87 -21.76 5.36 16.14
CA LEU C 87 -22.48 4.81 17.32
C LEU C 87 -23.92 5.32 17.49
N GLN C 88 -24.17 6.59 17.16
CA GLN C 88 -25.52 7.13 17.40
C GLN C 88 -26.42 7.15 16.16
N GLN C 89 -25.99 6.47 15.10
CA GLN C 89 -26.72 6.55 13.85
C GLN C 89 -27.58 5.33 13.69
N ASP C 90 -28.67 5.50 12.94
CA ASP C 90 -29.61 4.40 12.66
C ASP C 90 -29.75 4.16 11.15
N GLY C 91 -30.27 2.98 10.81
CA GLY C 91 -30.76 2.65 9.45
C GLY C 91 -29.75 2.78 8.34
N ALA C 92 -30.20 3.34 7.22
CA ALA C 92 -29.32 3.50 6.08
C ALA C 92 -28.13 4.48 6.33
N GLU C 93 -28.33 5.51 7.13
CA GLU C 93 -27.23 6.40 7.52
C GLU C 93 -26.13 5.61 8.28
N HIS C 94 -26.54 4.85 9.27
CA HIS C 94 -25.59 4.04 10.03
C HIS C 94 -24.76 3.13 9.12
N LYS C 95 -25.43 2.42 8.21
CA LYS C 95 -24.75 1.50 7.28
C LYS C 95 -23.75 2.24 6.44
N ALA C 96 -24.15 3.41 5.97
CA ALA C 96 -23.31 4.21 5.11
C ALA C 96 -22.01 4.61 5.80
N PHE C 97 -22.08 5.05 7.05
CA PHE C 97 -20.86 5.43 7.76
C PHE C 97 -20.05 4.25 8.34
N ARG C 98 -20.75 3.20 8.78
CA ARG C 98 -20.06 2.05 9.36
C ARG C 98 -19.14 1.33 8.37
N THR C 99 -19.58 1.20 7.12
CA THR C 99 -18.82 0.43 6.13
C THR C 99 -17.33 0.90 5.96
N PRO C 100 -17.08 2.22 5.72
CA PRO C 100 -15.67 2.66 5.68
C PRO C 100 -14.90 2.56 7.01
N VAL C 101 -15.61 2.73 8.13
CA VAL C 101 -14.99 2.53 9.44
C VAL C 101 -14.48 1.08 9.57
N MET C 102 -15.38 0.13 9.32
CA MET C 102 -15.02 -1.30 9.23
C MET C 102 -13.86 -1.61 8.28
N LYS C 103 -13.91 -1.06 7.07
CA LYS C 103 -12.81 -1.22 6.11
C LYS C 103 -11.48 -0.77 6.69
N GLY C 104 -11.46 0.36 7.42
CA GLY C 104 -10.25 0.84 8.09
C GLY C 104 -9.76 -0.06 9.21
N LEU C 105 -10.68 -0.77 9.86
CA LEU C 105 -10.35 -1.60 11.03
C LEU C 105 -10.28 -3.10 10.69
N ALA C 106 -10.14 -3.41 9.39
CA ALA C 106 -10.14 -4.81 8.91
C ALA C 106 -8.96 -5.64 9.44
N SER C 107 -9.11 -6.96 9.34
CA SER C 107 -8.12 -7.91 9.84
C SER C 107 -6.71 -7.53 9.40
N ARG C 108 -6.58 -7.22 8.11
CA ARG C 108 -5.29 -6.96 7.51
C ARG C 108 -4.58 -5.85 8.29
N PHE C 109 -5.34 -4.88 8.75
CA PHE C 109 -4.76 -3.70 9.37
C PHE C 109 -4.46 -3.92 10.86
N VAL C 110 -5.29 -4.74 11.52
CA VAL C 110 -5.04 -5.20 12.89
C VAL C 110 -3.79 -6.07 13.00
N VAL C 111 -3.65 -7.01 12.07
CA VAL C 111 -2.42 -7.81 11.95
C VAL C 111 -1.19 -6.88 11.80
N ALA C 112 -1.30 -5.86 10.92
CA ALA C 112 -0.22 -4.90 10.71
C ALA C 112 0.19 -4.20 11.99
N LEU C 113 -0.80 -3.77 12.77
CA LEU C 113 -0.57 -3.08 14.05
C LEU C 113 -0.02 -3.94 15.19
N GLU C 114 -0.15 -5.24 15.06
CA GLU C 114 0.17 -6.16 16.16
C GLU C 114 1.56 -5.94 16.82
N PRO C 115 2.66 -5.93 16.03
CA PRO C 115 3.98 -5.77 16.69
C PRO C 115 4.18 -4.39 17.37
N LYS C 116 3.65 -3.36 16.76
CA LYS C 116 3.72 -2.00 17.28
C LYS C 116 2.90 -1.81 18.59
N VAL C 117 1.74 -2.47 18.69
CA VAL C 117 0.99 -2.50 19.96
C VAL C 117 1.72 -3.35 21.01
N GLN C 118 2.31 -4.47 20.59
CA GLN C 118 3.06 -5.31 21.52
C GLN C 118 4.26 -4.56 22.12
N ALA C 119 4.92 -3.74 21.31
CA ALA C 119 6.03 -2.91 21.78
C ALA C 119 5.57 -1.88 22.83
N VAL C 120 4.43 -1.24 22.57
CA VAL C 120 3.80 -0.32 23.52
C VAL C 120 3.49 -1.03 24.86
N ALA C 121 2.90 -2.23 24.79
CA ALA C 121 2.59 -3.01 26.00
C ALA C 121 3.87 -3.38 26.75
N ARG C 122 4.85 -3.86 25.99
CA ARG C 122 6.14 -4.22 26.57
C ARG C 122 6.80 -3.02 27.30
N LYS C 123 6.93 -1.87 26.63
CA LYS C 123 7.61 -0.69 27.23
C LYS C 123 6.96 -0.29 28.57
N LEU C 124 5.62 -0.26 28.60
CA LEU C 124 4.91 0.13 29.79
C LEU C 124 5.09 -0.88 30.93
N MET C 125 5.09 -2.18 30.62
CA MET C 125 5.32 -3.20 31.66
C MET C 125 6.77 -3.10 32.15
N GLU C 126 7.70 -2.87 31.23
CA GLU C 126 9.11 -2.74 31.66
C GLU C 126 9.26 -1.55 32.59
N SER C 127 8.43 -0.51 32.40
CA SER C 127 8.51 0.69 33.28
C SER C 127 7.94 0.44 34.69
N LEU C 128 7.04 -0.52 34.83
CA LEU C 128 6.37 -0.78 36.12
C LEU C 128 7.02 -1.92 36.92
N ARG C 129 7.57 -2.89 36.21
CA ARG C 129 8.09 -4.16 36.81
C ARG C 129 9.10 -3.92 37.96
N PRO C 130 10.00 -2.92 37.82
CA PRO C 130 11.02 -2.68 38.85
C PRO C 130 10.45 -2.32 40.21
N ARG C 131 9.23 -1.79 40.24
CA ARG C 131 8.59 -1.30 41.46
C ARG C 131 8.21 -2.39 42.45
N GLY C 132 7.79 -3.55 41.97
CA GLY C 132 7.31 -4.58 42.89
C GLY C 132 5.88 -4.35 43.36
N SER C 133 5.26 -3.30 42.82
CA SER C 133 3.83 -3.02 43.07
C SER C 133 3.39 -1.91 42.14
N CYS C 134 2.09 -1.88 41.86
CA CYS C 134 1.51 -0.78 41.11
C CYS C 134 0.06 -0.64 41.50
N ASP C 135 -0.49 0.54 41.24
CA ASP C 135 -1.94 0.69 41.21
C ASP C 135 -2.25 0.45 39.74
N PHE C 136 -2.68 -0.77 39.42
CA PHE C 136 -2.78 -1.18 38.03
C PHE C 136 -3.70 -0.25 37.21
N VAL C 137 -4.79 0.24 37.79
CA VAL C 137 -5.70 1.11 37.04
C VAL C 137 -5.03 2.41 36.57
N SER C 138 -4.46 3.16 37.51
CA SER C 138 -3.86 4.44 37.13
C SER C 138 -2.47 4.29 36.48
N ASP C 139 -1.75 3.20 36.79
CA ASP C 139 -0.40 2.99 36.24
C ASP C 139 -0.31 2.28 34.89
N PHE C 140 -1.32 1.49 34.53
CA PHE C 140 -1.26 0.69 33.30
C PHE C 140 -2.54 0.81 32.51
N ALA C 141 -3.66 0.47 33.15
CA ALA C 141 -4.96 0.37 32.44
C ALA C 141 -5.36 1.67 31.73
N GLU C 142 -5.31 2.80 32.43
CA GLU C 142 -5.62 4.10 31.80
C GLU C 142 -4.53 4.67 30.94
N ILE C 143 -3.37 4.01 30.84
CA ILE C 143 -2.24 4.54 30.06
C ILE C 143 -2.13 3.84 28.70
N LEU C 144 -2.23 2.51 28.74
CA LEU C 144 -2.05 1.68 27.57
C LEU C 144 -2.94 2.12 26.40
N PRO C 145 -4.27 2.33 26.66
CA PRO C 145 -5.12 2.66 25.52
C PRO C 145 -4.70 3.93 24.81
N LEU C 146 -4.30 4.95 25.57
CA LEU C 146 -3.87 6.21 24.97
C LEU C 146 -2.57 6.02 24.19
N ASN C 147 -1.58 5.34 24.79
CA ASN C 147 -0.30 5.05 24.11
C ASN C 147 -0.56 4.32 22.79
N ILE C 148 -1.47 3.33 22.84
CA ILE C 148 -1.91 2.63 21.65
C ILE C 148 -2.50 3.57 20.63
N PHE C 149 -3.41 4.44 21.05
CA PHE C 149 -4.02 5.40 20.15
C PHE C 149 -3.00 6.27 19.42
N LEU C 150 -1.96 6.71 20.13
CA LEU C 150 -0.87 7.48 19.53
C LEU C 150 -0.18 6.65 18.42
N THR C 151 -0.09 5.34 18.65
CA THR C 151 0.43 4.42 17.63
C THR C 151 -0.57 4.18 16.50
N LEU C 152 -1.86 4.01 16.82
CA LEU C 152 -2.88 3.77 15.79
C LEU C 152 -2.93 4.88 14.74
N ILE C 153 -2.96 6.13 15.20
CA ILE C 153 -2.91 7.31 14.32
C ILE C 153 -1.46 7.67 14.00
N ASP C 154 -0.55 6.86 14.54
CA ASP C 154 0.88 6.94 14.29
C ASP C 154 1.44 8.36 14.31
N VAL C 155 1.29 9.02 15.46
CA VAL C 155 1.88 10.32 15.74
C VAL C 155 3.42 10.25 15.74
N PRO C 156 4.10 11.36 15.36
CA PRO C 156 5.53 11.56 15.61
C PRO C 156 6.03 11.07 17.00
N LEU C 157 7.22 10.45 17.00
CA LEU C 157 7.73 9.68 18.15
C LEU C 157 8.10 10.50 19.38
N GLU C 158 8.82 11.62 19.20
CA GLU C 158 9.12 12.45 20.38
C GLU C 158 8.07 13.57 20.61
N ASP C 159 6.93 13.48 19.91
CA ASP C 159 5.74 14.23 20.30
C ASP C 159 4.94 13.48 21.35
N ARG C 160 5.20 12.17 21.46
CA ARG C 160 4.46 11.27 22.35
C ARG C 160 4.50 11.64 23.85
N PRO C 161 5.68 12.01 24.42
CA PRO C 161 5.65 12.36 25.84
C PRO C 161 4.80 13.60 26.15
N ARG C 162 4.77 14.55 25.21
CA ARG C 162 3.94 15.76 25.33
C ARG C 162 2.45 15.43 25.12
N LEU C 163 2.17 14.41 24.31
CA LEU C 163 0.80 14.05 24.00
C LEU C 163 0.19 13.08 25.01
N ARG C 164 1.02 12.23 25.60
CA ARG C 164 0.63 11.37 26.73
C ARG C 164 0.08 12.25 27.85
N GLN C 165 0.83 13.30 28.16
CA GLN C 165 0.49 14.25 29.22
C GLN C 165 -0.73 15.11 28.89
N LEU C 166 -0.74 15.62 27.67
CA LEU C 166 -1.90 16.35 27.14
C LEU C 166 -3.19 15.51 27.14
N GLY C 167 -3.06 14.18 27.10
CA GLY C 167 -4.21 13.28 27.02
C GLY C 167 -4.75 12.75 28.34
N VAL C 168 -4.06 13.08 29.43
CA VAL C 168 -4.50 12.78 30.81
C VAL C 168 -5.96 13.18 31.11
N GLN C 169 -6.40 14.30 30.53
CA GLN C 169 -7.76 14.79 30.71
C GLN C 169 -8.83 13.84 30.15
N LEU C 170 -8.45 13.09 29.12
CA LEU C 170 -9.36 12.18 28.43
C LEU C 170 -9.39 10.80 29.08
N MET C 177 -14.71 19.11 34.49
CA MET C 177 -15.07 19.41 33.10
C MET C 177 -16.53 19.11 32.78
N THR C 178 -17.19 20.00 32.06
CA THR C 178 -18.54 19.71 31.52
C THR C 178 -18.40 18.74 30.34
N VAL C 179 -19.52 18.19 29.90
CA VAL C 179 -19.48 17.34 28.72
C VAL C 179 -19.00 18.15 27.50
N GLU C 180 -19.54 19.35 27.31
CA GLU C 180 -19.12 20.16 26.16
C GLU C 180 -17.63 20.53 26.22
N GLN C 181 -17.12 20.77 27.43
CA GLN C 181 -15.67 21.00 27.59
C GLN C 181 -14.85 19.75 27.27
N LEU C 182 -15.37 18.59 27.68
CA LEU C 182 -14.74 17.31 27.37
C LEU C 182 -14.60 17.10 25.84
N LYS C 183 -15.71 17.27 25.12
CA LYS C 183 -15.74 17.20 23.65
C LYS C 183 -14.78 18.18 22.98
N GLN C 184 -14.77 19.42 23.50
CA GLN C 184 -13.91 20.46 22.99
C GLN C 184 -12.45 20.08 23.16
N ALA C 185 -12.13 19.54 24.34
CA ALA C 185 -10.80 19.04 24.67
C ALA C 185 -10.43 17.88 23.76
N ALA C 186 -11.38 16.96 23.58
CA ALA C 186 -11.22 15.85 22.65
C ALA C 186 -10.98 16.36 21.22
N ASP C 187 -11.86 17.23 20.71
CA ASP C 187 -11.69 17.82 19.36
C ASP C 187 -10.34 18.50 19.20
N ASP C 188 -9.99 19.40 20.14
CA ASP C 188 -8.72 20.14 20.12
C ASP C 188 -7.51 19.21 20.05
N TYR C 189 -7.57 18.13 20.83
CA TYR C 189 -6.51 17.11 20.89
C TYR C 189 -6.29 16.41 19.54
N LEU C 190 -7.39 16.17 18.86
CA LEU C 190 -7.39 15.34 17.65
C LEU C 190 -7.22 16.18 16.40
N TRP C 191 -7.63 17.45 16.50
CA TRP C 191 -7.70 18.30 15.32
C TRP C 191 -6.43 18.31 14.46
N PRO C 192 -5.24 18.48 15.08
CA PRO C 192 -4.04 18.56 14.22
C PRO C 192 -3.86 17.32 13.31
N PHE C 193 -4.09 16.12 13.85
CA PHE C 193 -4.02 14.88 13.07
C PHE C 193 -5.15 14.72 12.05
N ILE C 194 -6.34 15.24 12.39
CA ILE C 194 -7.42 15.26 11.40
C ILE C 194 -6.93 16.05 10.18
N GLU C 195 -6.65 17.35 10.35
CA GLU C 195 -6.22 18.18 9.21
C GLU C 195 -4.99 17.59 8.47
N LYS C 196 -4.03 17.07 9.23
CA LYS C 196 -2.87 16.35 8.68
C LYS C 196 -3.34 15.22 7.78
N ARG C 197 -3.94 14.20 8.40
CA ARG C 197 -4.42 12.99 7.73
C ARG C 197 -5.42 13.20 6.57
N MET C 198 -6.06 14.36 6.54
CA MET C 198 -7.03 14.73 5.51
C MET C 198 -6.37 15.52 4.38
N ALA C 199 -5.40 16.36 4.72
CA ALA C 199 -4.54 17.02 3.72
C ALA C 199 -3.66 15.97 3.05
N GLN C 200 -2.78 15.35 3.84
CA GLN C 200 -1.96 14.22 3.36
C GLN C 200 -2.50 12.89 3.89
N PRO C 201 -3.14 12.07 3.02
CA PRO C 201 -3.39 10.68 3.42
C PRO C 201 -2.11 9.83 3.52
N GLY C 202 -2.24 8.68 4.18
CA GLY C 202 -1.12 7.77 4.42
C GLY C 202 -1.59 6.32 4.49
N ASP C 203 -1.34 5.68 5.63
CA ASP C 203 -1.89 4.34 5.89
C ASP C 203 -2.03 4.03 7.40
N ASP C 204 -2.21 5.08 8.20
CA ASP C 204 -2.63 4.94 9.58
C ASP C 204 -4.17 4.84 9.64
N LEU C 205 -4.69 4.62 10.84
CA LEU C 205 -6.10 4.36 11.05
C LEU C 205 -7.00 5.48 10.54
N PHE C 206 -6.73 6.71 10.98
CA PHE C 206 -7.52 7.88 10.57
C PHE C 206 -7.50 8.05 9.04
N SER C 207 -6.32 8.06 8.44
CA SER C 207 -6.21 8.27 6.98
C SER C 207 -6.96 7.24 6.12
N ARG C 208 -6.93 5.96 6.52
CA ARG C 208 -7.63 4.93 5.73
C ARG C 208 -9.16 4.98 5.75
N ILE C 209 -9.74 5.37 6.89
CA ILE C 209 -11.19 5.56 6.92
C ILE C 209 -11.56 6.86 6.20
N LEU C 210 -10.71 7.88 6.34
CA LEU C 210 -11.03 9.18 5.76
C LEU C 210 -10.83 9.23 4.24
N SER C 211 -9.86 8.49 3.71
CA SER C 211 -9.72 8.34 2.25
C SER C 211 -10.84 7.49 1.60
N GLU C 212 -11.58 6.73 2.42
CA GLU C 212 -12.70 5.90 1.95
C GLU C 212 -14.01 6.68 1.95
N PRO C 213 -14.65 6.83 0.76
CA PRO C 213 -15.85 7.68 0.70
C PRO C 213 -17.02 7.11 1.52
N VAL C 214 -18.04 7.94 1.73
CA VAL C 214 -19.30 7.52 2.34
C VAL C 214 -20.43 7.84 1.34
N GLY C 215 -21.16 6.81 0.92
CA GLY C 215 -22.11 6.93 -0.19
C GLY C 215 -21.44 7.52 -1.43
N GLY C 216 -20.20 7.11 -1.68
CA GLY C 216 -19.43 7.55 -2.85
C GLY C 216 -18.95 8.99 -2.82
N ARG C 217 -19.57 9.79 -1.95
CA ARG C 217 -19.20 11.19 -1.75
C ARG C 217 -18.25 11.32 -0.55
N PRO C 218 -17.50 12.43 -0.46
CA PRO C 218 -16.45 12.41 0.57
C PRO C 218 -16.98 12.68 1.98
N TRP C 219 -16.16 12.35 2.99
CA TRP C 219 -16.45 12.68 4.39
C TRP C 219 -16.53 14.22 4.48
N THR C 220 -17.50 14.75 5.21
CA THR C 220 -17.42 16.16 5.62
C THR C 220 -16.46 16.26 6.82
N VAL C 221 -15.82 17.40 6.99
CA VAL C 221 -14.93 17.53 8.15
C VAL C 221 -15.71 17.30 9.46
N ASP C 222 -16.95 17.81 9.55
CA ASP C 222 -17.83 17.57 10.73
C ASP C 222 -18.00 16.07 10.96
N GLU C 223 -18.34 15.32 9.91
CA GLU C 223 -18.53 13.87 10.04
C GLU C 223 -17.24 13.18 10.47
N ALA C 224 -16.11 13.62 9.93
CA ALA C 224 -14.80 13.03 10.23
C ALA C 224 -14.45 13.19 11.72
N ARG C 225 -14.65 14.39 12.24
CA ARG C 225 -14.39 14.64 13.65
C ARG C 225 -15.34 13.86 14.59
N ARG C 226 -16.62 13.74 14.26
CA ARG C 226 -17.56 12.92 15.03
C ARG C 226 -17.18 11.44 14.99
N MET C 227 -16.64 11.00 13.87
CA MET C 227 -16.16 9.63 13.79
C MET C 227 -14.86 9.41 14.55
N CYS C 228 -13.86 10.27 14.35
CA CYS C 228 -12.62 10.20 15.14
C CYS C 228 -12.85 10.25 16.66
N ARG C 229 -13.77 11.10 17.10
CA ARG C 229 -14.22 11.22 18.46
C ARG C 229 -14.77 9.86 18.95
N ASN C 230 -15.54 9.18 18.10
CA ASN C 230 -16.09 7.85 18.46
C ASN C 230 -14.98 6.82 18.62
N LEU C 231 -14.01 6.85 17.72
CA LEU C 231 -12.85 5.94 17.82
C LEU C 231 -12.02 6.15 19.10
N LEU C 232 -11.76 7.42 19.43
CA LEU C 232 -11.03 7.77 20.63
C LEU C 232 -11.77 7.30 21.88
N PHE C 233 -12.99 7.78 22.06
CA PHE C 233 -13.79 7.45 23.25
C PHE C 233 -14.28 6.00 23.28
N GLY C 234 -14.50 5.41 22.11
CA GLY C 234 -14.96 4.01 22.02
C GLY C 234 -13.89 3.02 22.47
N GLY C 235 -12.63 3.42 22.30
CA GLY C 235 -11.50 2.57 22.65
C GLY C 235 -10.69 2.87 23.90
N LEU C 236 -10.96 3.98 24.59
CA LEU C 236 -10.19 4.28 25.80
C LEU C 236 -10.76 3.62 27.06
N ASP C 237 -11.97 3.97 27.44
CA ASP C 237 -12.49 3.46 28.71
C ASP C 237 -12.80 1.98 28.62
N THR C 238 -13.16 1.52 27.44
CA THR C 238 -13.53 0.08 27.35
C THR C 238 -12.28 -0.79 27.48
N VAL C 239 -11.25 -0.46 26.71
CA VAL C 239 -10.00 -1.21 26.77
C VAL C 239 -9.39 -1.17 28.16
N ALA C 240 -9.44 0.03 28.77
CA ALA C 240 -8.96 0.21 30.13
C ALA C 240 -9.70 -0.69 31.11
N ALA C 241 -11.04 -0.70 31.03
CA ALA C 241 -11.84 -1.58 31.87
C ALA C 241 -11.50 -3.07 31.67
N MET C 242 -11.45 -3.53 30.42
CA MET C 242 -11.22 -4.95 30.10
C MET C 242 -9.83 -5.39 30.57
N ILE C 243 -8.82 -4.58 30.26
CA ILE C 243 -7.43 -4.89 30.66
C ILE C 243 -7.36 -5.04 32.19
N GLY C 244 -7.95 -4.09 32.92
CA GLY C 244 -8.08 -4.17 34.37
C GLY C 244 -8.74 -5.46 34.86
N MET C 245 -9.85 -5.84 34.21
CA MET C 245 -10.49 -7.10 34.57
C MET C 245 -9.60 -8.31 34.28
N VAL C 246 -8.82 -8.28 33.21
CA VAL C 246 -7.97 -9.42 32.89
C VAL C 246 -6.89 -9.54 33.95
N ALA C 247 -6.27 -8.39 34.28
CA ALA C 247 -5.25 -8.33 35.33
C ALA C 247 -5.80 -8.80 36.66
N LEU C 248 -6.97 -8.30 37.06
CA LEU C 248 -7.64 -8.73 38.27
C LEU C 248 -7.82 -10.25 38.36
N HIS C 249 -8.28 -10.81 37.25
CA HIS C 249 -8.56 -12.22 37.20
C HIS C 249 -7.26 -13.04 37.38
N LEU C 250 -6.24 -12.71 36.60
CA LEU C 250 -4.93 -13.33 36.77
C LEU C 250 -4.43 -13.19 38.20
N ALA C 251 -4.59 -12.02 38.81
CA ALA C 251 -4.21 -11.81 40.21
C ALA C 251 -4.96 -12.75 41.16
N ARG C 252 -6.26 -12.93 40.95
CA ARG C 252 -7.07 -13.82 41.78
C ARG C 252 -6.89 -15.31 41.45
N HIS C 253 -6.27 -15.60 40.32
CA HIS C 253 -6.18 -16.99 39.85
C HIS C 253 -4.77 -17.31 39.42
N PRO C 254 -3.83 -17.42 40.38
CA PRO C 254 -2.45 -17.73 40.05
C PRO C 254 -2.32 -19.03 39.26
N GLU C 255 -3.29 -19.92 39.40
CA GLU C 255 -3.33 -21.16 38.61
C GLU C 255 -3.45 -20.88 37.11
N ASP C 256 -4.21 -19.81 36.76
CA ASP C 256 -4.28 -19.32 35.38
C ASP C 256 -3.00 -18.59 34.89
N GLN C 257 -2.33 -17.82 35.76
CA GLN C 257 -1.00 -17.27 35.40
C GLN C 257 -0.06 -18.41 35.02
N ARG C 258 -0.03 -19.43 35.87
CA ARG C 258 0.84 -20.60 35.64
C ARG C 258 0.56 -21.27 34.30
N LEU C 259 -0.71 -21.60 34.06
CA LEU C 259 -1.11 -22.34 32.87
C LEU C 259 -0.72 -21.60 31.63
N LEU C 260 -1.04 -20.30 31.61
CA LEU C 260 -0.76 -19.48 30.44
C LEU C 260 0.72 -19.23 30.21
N ARG C 261 1.52 -19.35 31.27
CA ARG C 261 2.99 -19.24 31.15
C ARG C 261 3.62 -20.55 30.65
N GLU C 262 3.15 -21.68 31.19
CA GLU C 262 3.52 -23.00 30.66
C GLU C 262 3.05 -23.22 29.21
N ARG C 263 1.87 -22.69 28.87
CA ARG C 263 1.17 -23.00 27.63
C ARG C 263 0.66 -21.72 26.89
N PRO C 264 1.60 -20.93 26.32
CA PRO C 264 1.23 -19.62 25.74
C PRO C 264 0.42 -19.69 24.45
N ASP C 265 0.33 -20.89 23.86
CA ASP C 265 -0.53 -21.13 22.71
C ASP C 265 -2.03 -21.05 23.11
N LEU C 266 -2.29 -21.15 24.42
CA LEU C 266 -3.63 -21.01 24.99
C LEU C 266 -4.07 -19.54 25.15
N ILE C 267 -3.14 -18.60 25.00
CA ILE C 267 -3.43 -17.18 25.19
C ILE C 267 -4.60 -16.62 24.32
N PRO C 268 -4.59 -16.88 23.00
CA PRO C 268 -5.76 -16.34 22.25
C PRO C 268 -7.11 -16.88 22.72
N ALA C 269 -7.19 -18.19 22.97
CA ALA C 269 -8.40 -18.77 23.59
C ALA C 269 -8.70 -18.23 24.99
N ALA C 270 -7.66 -17.92 25.77
CA ALA C 270 -7.87 -17.32 27.09
C ALA C 270 -8.41 -15.89 26.92
N ALA C 271 -7.94 -15.15 25.92
CA ALA C 271 -8.38 -13.78 25.76
C ALA C 271 -9.90 -13.81 25.49
N ASP C 272 -10.32 -14.70 24.58
CA ASP C 272 -11.75 -14.86 24.25
C ASP C 272 -12.58 -15.17 25.49
N GLU C 273 -12.13 -16.13 26.28
CA GLU C 273 -12.86 -16.58 27.44
C GLU C 273 -12.93 -15.50 28.52
N LEU C 274 -11.84 -14.77 28.77
CA LEU C 274 -11.84 -13.65 29.74
C LEU C 274 -12.76 -12.48 29.32
N MET C 275 -12.75 -12.15 28.03
CA MET C 275 -13.63 -11.07 27.50
C MET C 275 -15.13 -11.45 27.63
N ARG C 276 -15.41 -12.74 27.50
CA ARG C 276 -16.77 -13.28 27.73
C ARG C 276 -17.11 -13.15 29.21
N ARG C 277 -16.13 -13.46 30.03
CA ARG C 277 -16.37 -13.59 31.47
C ARG C 277 -16.57 -12.27 32.18
N TYR C 278 -15.87 -11.21 31.75
CA TYR C 278 -15.95 -9.90 32.46
C TYR C 278 -16.46 -8.71 31.61
N PRO C 279 -17.70 -8.80 31.06
CA PRO C 279 -18.24 -7.69 30.24
C PRO C 279 -18.68 -6.55 31.17
N THR C 280 -18.36 -5.30 30.86
CA THR C 280 -18.87 -4.20 31.70
C THR C 280 -19.54 -3.03 30.95
N VAL C 281 -19.85 -3.22 29.67
CA VAL C 281 -20.50 -2.18 28.86
C VAL C 281 -22.01 -2.34 28.92
N ALA C 282 -22.71 -1.23 29.13
CA ALA C 282 -24.18 -1.20 28.95
C ALA C 282 -24.52 -0.06 28.00
N VAL C 283 -25.63 -0.18 27.26
CA VAL C 283 -25.95 0.87 26.31
C VAL C 283 -27.37 1.35 26.51
N SER C 284 -27.63 2.55 25.98
CA SER C 284 -28.99 3.13 26.05
C SER C 284 -29.64 3.09 24.67
N ARG C 285 -30.97 2.97 24.67
CA ARG C 285 -31.75 2.99 23.45
C ARG C 285 -32.99 3.84 23.73
N ASN C 286 -33.48 4.53 22.68
CA ASN C 286 -34.75 5.27 22.74
C ASN C 286 -35.75 4.58 21.80
N ALA C 287 -36.87 4.15 22.36
CA ALA C 287 -37.90 3.45 21.60
C ALA C 287 -38.56 4.40 20.60
N VAL C 288 -38.55 4.01 19.34
CA VAL C 288 -39.21 4.80 18.29
C VAL C 288 -40.52 4.13 17.80
N ALA C 289 -40.85 2.99 18.40
CA ALA C 289 -42.04 2.19 18.11
C ALA C 289 -42.30 1.45 19.39
N ASP C 290 -43.53 0.95 19.59
CA ASP C 290 -43.86 0.12 20.75
C ASP C 290 -43.16 -1.23 20.61
N VAL C 291 -42.66 -1.75 21.71
CA VAL C 291 -41.94 -3.02 21.65
C VAL C 291 -42.43 -3.90 22.75
N ASP C 292 -43.05 -5.02 22.35
CA ASP C 292 -43.43 -6.09 23.27
C ASP C 292 -42.22 -6.90 23.79
N ALA C 293 -42.13 -7.07 25.11
CA ALA C 293 -41.06 -7.90 25.70
C ALA C 293 -41.48 -8.36 27.07
N ASP C 294 -41.23 -9.64 27.33
CA ASP C 294 -41.37 -10.26 28.66
C ASP C 294 -42.74 -10.08 29.33
N GLY C 295 -43.79 -9.97 28.54
CA GLY C 295 -45.12 -9.80 29.10
C GLY C 295 -45.61 -8.38 29.17
N VAL C 296 -44.74 -7.39 28.93
CA VAL C 296 -45.19 -5.97 28.96
C VAL C 296 -44.90 -5.25 27.63
N THR C 297 -45.10 -3.95 27.59
CA THR C 297 -44.87 -3.20 26.37
C THR C 297 -44.04 -1.96 26.67
N ILE C 298 -42.90 -1.83 25.99
CA ILE C 298 -42.12 -0.61 26.02
C ILE C 298 -42.85 0.33 25.06
N ARG C 299 -43.16 1.56 25.47
CA ARG C 299 -43.86 2.48 24.56
C ARG C 299 -42.91 3.39 23.81
N LYS C 300 -43.30 3.77 22.60
CA LYS C 300 -42.61 4.77 21.81
C LYS C 300 -42.30 5.97 22.70
N GLY C 301 -41.05 6.44 22.65
CA GLY C 301 -40.54 7.49 23.52
C GLY C 301 -39.74 7.05 24.75
N ASP C 302 -39.95 5.81 25.23
CA ASP C 302 -39.32 5.33 26.46
C ASP C 302 -37.83 5.12 26.18
N LEU C 303 -37.02 5.29 27.24
CA LEU C 303 -35.60 4.91 27.21
C LEU C 303 -35.46 3.50 27.80
N VAL C 304 -34.52 2.73 27.23
CA VAL C 304 -34.26 1.38 27.65
C VAL C 304 -32.73 1.25 27.90
N TYR C 305 -32.33 0.69 29.03
CA TYR C 305 -30.92 0.47 29.35
C TYR C 305 -30.59 -1.01 29.26
N LEU C 306 -29.51 -1.36 28.53
CA LEU C 306 -29.21 -2.77 28.24
C LEU C 306 -27.81 -3.12 28.73
N PRO C 307 -27.71 -3.91 29.84
CA PRO C 307 -26.45 -4.36 30.43
C PRO C 307 -25.95 -5.69 29.83
N SER C 308 -24.83 -5.65 29.10
CA SER C 308 -24.29 -6.87 28.46
C SER C 308 -24.01 -7.96 29.51
N VAL C 309 -23.62 -7.55 30.71
CA VAL C 309 -23.34 -8.51 31.78
C VAL C 309 -24.51 -9.48 32.06
N LEU C 310 -25.75 -9.02 31.85
CA LEU C 310 -26.93 -9.82 32.19
C LEU C 310 -27.33 -10.77 31.09
N HIS C 311 -26.65 -10.69 29.95
CA HIS C 311 -26.72 -11.78 28.99
C HIS C 311 -25.59 -12.74 29.30
N ASN C 312 -24.33 -12.27 29.27
CA ASN C 312 -23.19 -13.18 29.39
C ASN C 312 -23.19 -14.05 30.65
N LEU C 313 -23.53 -13.42 31.77
CA LEU C 313 -23.47 -14.08 33.07
C LEU C 313 -24.82 -14.59 33.59
N ASP C 314 -25.83 -14.64 32.73
CA ASP C 314 -27.16 -15.16 33.13
C ASP C 314 -27.05 -16.68 32.95
N PRO C 315 -27.14 -17.45 34.05
CA PRO C 315 -27.03 -18.91 33.82
C PRO C 315 -28.17 -19.53 32.97
N ALA C 316 -29.24 -18.78 32.75
CA ALA C 316 -30.32 -19.23 31.85
C ALA C 316 -29.96 -19.00 30.38
N SER C 317 -28.91 -18.22 30.12
CA SER C 317 -28.44 -18.01 28.75
C SER C 317 -27.17 -18.82 28.42
N PHE C 318 -26.31 -19.04 29.42
CA PHE C 318 -25.02 -19.71 29.19
C PHE C 318 -24.71 -20.71 30.30
N GLU C 319 -24.10 -21.82 29.93
CA GLU C 319 -23.73 -22.85 30.90
C GLU C 319 -22.57 -22.40 31.79
N ALA C 320 -22.83 -22.38 33.11
CA ALA C 320 -21.81 -22.16 34.16
C ALA C 320 -21.00 -20.91 33.84
N PRO C 321 -21.70 -19.78 33.66
CA PRO C 321 -21.10 -18.65 32.94
C PRO C 321 -20.02 -17.94 33.75
N GLU C 322 -20.01 -18.15 35.06
CA GLU C 322 -18.95 -17.55 35.92
C GLU C 322 -17.65 -18.36 35.98
N GLU C 323 -17.66 -19.53 35.34
CA GLU C 323 -16.48 -20.38 35.28
C GLU C 323 -15.66 -19.98 34.07
N VAL C 324 -14.38 -19.77 34.31
CA VAL C 324 -13.45 -19.48 33.25
C VAL C 324 -12.78 -20.76 32.77
N ARG C 325 -12.94 -21.09 31.49
CA ARG C 325 -12.23 -22.25 30.96
C ARG C 325 -11.98 -22.12 29.49
N PHE C 326 -10.79 -22.48 29.01
CA PHE C 326 -10.83 -22.80 27.58
C PHE C 326 -11.24 -24.21 27.17
N ASP C 327 -11.83 -24.99 28.05
CA ASP C 327 -12.68 -26.02 27.48
C ASP C 327 -13.47 -25.28 26.36
N ARG C 328 -13.89 -24.05 26.67
CA ARG C 328 -15.21 -23.54 26.23
C ARG C 328 -15.49 -23.45 24.75
N GLY C 329 -14.61 -22.81 24.00
CA GLY C 329 -14.76 -22.70 22.54
C GLY C 329 -16.05 -22.01 22.06
N LEU C 330 -16.56 -21.07 22.86
CA LEU C 330 -17.76 -20.28 22.47
C LEU C 330 -17.37 -19.25 21.42
N ALA C 331 -18.05 -19.23 20.27
CA ALA C 331 -17.80 -18.19 19.26
C ALA C 331 -18.07 -16.82 19.92
N PRO C 332 -17.12 -15.85 19.82
CA PRO C 332 -17.39 -14.55 20.48
C PRO C 332 -18.73 -13.87 20.12
N ILE C 333 -19.21 -14.06 18.89
CA ILE C 333 -20.43 -13.37 18.40
C ILE C 333 -21.67 -13.79 19.22
N ARG C 334 -21.57 -14.98 19.81
CA ARG C 334 -22.64 -15.55 20.63
C ARG C 334 -22.97 -14.79 21.92
N HIS C 335 -21.95 -14.15 22.53
CA HIS C 335 -22.16 -13.36 23.73
C HIS C 335 -22.15 -11.86 23.36
N THR C 336 -22.32 -11.01 24.36
CA THR C 336 -22.72 -9.61 24.15
C THR C 336 -21.68 -8.65 24.66
N THR C 337 -20.47 -9.15 24.92
CA THR C 337 -19.42 -8.20 25.37
C THR C 337 -19.23 -7.04 24.40
N MET C 338 -19.23 -7.34 23.11
CA MET C 338 -19.03 -6.33 22.06
C MET C 338 -20.33 -5.89 21.44
N GLY C 339 -21.44 -6.24 22.09
CA GLY C 339 -22.77 -5.88 21.56
C GLY C 339 -23.39 -6.94 20.67
N VAL C 340 -24.40 -6.53 19.90
CA VAL C 340 -25.23 -7.47 19.18
C VAL C 340 -25.63 -6.85 17.85
N GLY C 341 -25.51 -7.61 16.76
CA GLY C 341 -26.13 -7.14 15.49
C GLY C 341 -25.42 -6.01 14.76
N ALA C 342 -26.20 -5.11 14.17
CA ALA C 342 -25.68 -4.12 13.20
C ALA C 342 -24.66 -3.15 13.86
N HIS C 343 -24.80 -2.87 15.15
CA HIS C 343 -23.83 -1.97 15.80
C HIS C 343 -22.68 -2.69 16.50
N ARG C 344 -22.56 -4.01 16.35
CA ARG C 344 -21.51 -4.75 17.11
C ARG C 344 -20.15 -4.09 16.92
N CYS C 345 -19.43 -3.93 18.03
CA CYS C 345 -18.15 -3.19 18.07
C CYS C 345 -17.30 -3.38 16.81
N VAL C 346 -17.03 -2.28 16.08
CA VAL C 346 -16.12 -2.34 14.91
C VAL C 346 -14.67 -2.58 15.37
N GLY C 347 -14.38 -2.28 16.64
CA GLY C 347 -13.07 -2.47 17.23
C GLY C 347 -12.88 -3.87 17.84
N ALA C 348 -13.81 -4.78 17.60
CA ALA C 348 -13.73 -6.13 18.23
C ALA C 348 -12.43 -6.87 17.89
N GLY C 349 -12.04 -6.83 16.61
CA GLY C 349 -10.76 -7.44 16.16
C GLY C 349 -9.58 -6.82 16.88
N LEU C 350 -9.56 -5.50 16.89
CA LEU C 350 -8.52 -4.74 17.56
C LEU C 350 -8.49 -5.00 19.05
N ALA C 351 -9.66 -5.02 19.67
CA ALA C 351 -9.77 -5.25 21.11
C ALA C 351 -9.19 -6.62 21.49
N ARG C 352 -9.51 -7.64 20.71
CA ARG C 352 -9.05 -9.01 21.01
C ARG C 352 -7.51 -9.03 20.93
N MET C 353 -6.98 -8.41 19.88
CA MET C 353 -5.51 -8.31 19.65
C MET C 353 -4.80 -7.63 20.84
N GLU C 354 -5.34 -6.51 21.29
CA GLU C 354 -4.79 -5.79 22.43
C GLU C 354 -4.77 -6.66 23.71
N VAL C 355 -5.87 -7.35 24.00
CA VAL C 355 -5.89 -8.29 25.13
C VAL C 355 -4.85 -9.41 24.97
N ILE C 356 -4.76 -9.98 23.78
CA ILE C 356 -3.77 -11.03 23.50
C ILE C 356 -2.35 -10.48 23.74
N VAL C 357 -2.07 -9.31 23.17
CA VAL C 357 -0.76 -8.69 23.24
C VAL C 357 -0.40 -8.31 24.68
N PHE C 358 -1.40 -7.87 25.45
CA PHE C 358 -1.24 -7.64 26.88
C PHE C 358 -0.95 -8.92 27.62
N LEU C 359 -1.73 -9.98 27.35
CA LEU C 359 -1.47 -11.25 27.98
C LEU C 359 -0.03 -11.74 27.67
N ARG C 360 0.41 -11.65 26.42
CA ARG C 360 1.76 -12.12 26.03
C ARG C 360 2.85 -11.42 26.83
N GLU C 361 2.81 -10.09 26.79
CA GLU C 361 3.84 -9.23 27.41
C GLU C 361 3.80 -9.18 28.94
N TRP C 362 2.61 -9.06 29.51
CA TRP C 362 2.47 -9.04 30.97
C TRP C 362 2.86 -10.41 31.60
N LEU C 363 2.34 -11.52 31.06
CA LEU C 363 2.74 -12.84 31.58
C LEU C 363 4.18 -13.20 31.20
N GLY C 364 4.58 -12.92 29.97
CA GLY C 364 5.97 -13.17 29.51
C GLY C 364 6.98 -12.43 30.37
N GLY C 365 6.66 -11.17 30.71
CA GLY C 365 7.63 -10.29 31.36
C GLY C 365 7.53 -10.14 32.86
N MET C 366 6.35 -10.37 33.44
CA MET C 366 6.17 -10.22 34.87
C MET C 366 6.39 -11.54 35.58
N PRO C 367 6.95 -11.48 36.80
CA PRO C 367 6.90 -12.66 37.67
C PRO C 367 5.49 -12.86 38.23
N GLU C 368 5.30 -13.90 39.04
CA GLU C 368 3.99 -14.19 39.64
C GLU C 368 3.57 -12.95 40.39
N PHE C 369 2.32 -12.53 40.19
CA PHE C 369 1.81 -11.34 40.84
C PHE C 369 0.49 -11.66 41.59
N ALA C 370 0.16 -10.84 42.57
CA ALA C 370 -1.04 -11.07 43.37
C ALA C 370 -1.65 -9.74 43.77
N LEU C 371 -2.85 -9.78 44.32
CA LEU C 371 -3.46 -8.56 44.88
C LEU C 371 -2.64 -8.17 46.09
N ALA C 372 -2.45 -6.87 46.31
CA ALA C 372 -1.89 -6.43 47.59
C ALA C 372 -2.69 -7.01 48.76
N PRO C 373 -2.02 -7.62 49.76
CA PRO C 373 -2.80 -7.83 50.97
C PRO C 373 -2.94 -6.46 51.64
N ASP C 374 -4.03 -6.20 52.35
CA ASP C 374 -4.21 -4.89 53.04
C ASP C 374 -4.45 -3.63 52.15
N LYS C 375 -4.63 -3.81 50.84
CA LYS C 375 -5.21 -2.72 50.02
C LYS C 375 -6.45 -3.27 49.29
N ALA C 376 -7.48 -2.45 49.17
CA ALA C 376 -8.78 -2.88 48.59
C ALA C 376 -8.83 -2.77 47.06
N VAL C 377 -9.50 -3.73 46.42
CA VAL C 377 -9.97 -3.64 45.02
C VAL C 377 -11.33 -2.95 45.02
N THR C 378 -11.46 -1.86 44.27
CA THR C 378 -12.72 -1.12 44.18
C THR C 378 -13.12 -0.96 42.70
N MET C 379 -14.43 -0.89 42.46
CA MET C 379 -14.99 -0.85 41.10
C MET C 379 -16.00 0.30 41.02
N LYS C 380 -16.44 0.63 39.81
CA LYS C 380 -17.51 1.63 39.60
C LYS C 380 -18.50 1.10 38.55
N GLY C 381 -19.69 1.73 38.51
CA GLY C 381 -20.75 1.39 37.54
C GLY C 381 -20.74 2.41 36.40
N GLY C 382 -21.92 2.85 35.97
CA GLY C 382 -22.00 3.71 34.78
C GLY C 382 -22.02 2.85 33.53
N ASN C 383 -21.80 3.48 32.37
CA ASN C 383 -21.97 2.79 31.08
C ASN C 383 -20.83 1.83 30.80
N VAL C 384 -19.65 2.14 31.32
CA VAL C 384 -18.53 1.21 31.24
C VAL C 384 -17.99 1.04 32.66
N GLY C 385 -18.40 -0.07 33.26
CA GLY C 385 -17.89 -0.49 34.54
C GLY C 385 -16.41 -0.81 34.48
N ALA C 386 -15.73 -0.60 35.60
CA ALA C 386 -14.29 -0.80 35.66
C ALA C 386 -13.83 -0.84 37.12
N CYS C 387 -12.69 -1.47 37.37
CA CYS C 387 -11.93 -1.23 38.61
C CYS C 387 -11.52 0.22 38.67
N THR C 388 -11.63 0.77 39.87
CA THR C 388 -11.12 2.09 40.13
C THR C 388 -9.83 2.04 40.93
N ALA C 389 -9.63 0.93 41.65
CA ALA C 389 -8.34 0.64 42.31
C ALA C 389 -8.00 -0.84 42.15
N LEU C 390 -6.81 -1.10 41.63
CA LEU C 390 -6.35 -2.47 41.48
C LEU C 390 -4.91 -2.57 41.99
N PRO C 391 -4.72 -2.74 43.31
CA PRO C 391 -3.34 -2.81 43.85
C PRO C 391 -2.69 -4.20 43.70
N LEU C 392 -1.61 -4.28 42.91
CA LEU C 392 -0.91 -5.53 42.64
C LEU C 392 0.51 -5.48 43.23
N VAL C 393 1.05 -6.67 43.53
CA VAL C 393 2.37 -6.81 44.15
C VAL C 393 3.08 -8.01 43.53
N TRP C 394 4.39 -7.93 43.43
CA TRP C 394 5.18 -9.00 42.88
C TRP C 394 6.61 -8.83 43.39
N ARG C 395 7.45 -9.83 43.16
CA ARG C 395 8.79 -9.71 43.65
C ARG C 395 9.55 -8.84 42.67
N ALA C 396 9.88 -7.64 43.13
CA ALA C 396 10.82 -6.82 42.40
C ALA C 396 12.21 -7.36 42.73
#